data_3BB8
#
_entry.id   3BB8
#
_cell.length_a   98.180
_cell.length_b   98.180
_cell.length_c   140.390
_cell.angle_alpha   90.00
_cell.angle_beta   90.00
_cell.angle_gamma   120.00
#
_symmetry.space_group_name_H-M   'P 32'
#
loop_
_entity.id
_entity.type
_entity.pdbx_description
1 polymer CDP-4-keto-6-deoxy-D-glucose-3-dehydrase
2 non-polymer "PYRIDOXAL-5'-PHOSPHATE"
3 non-polymer BENZAMIDINE
#
_entity_poly.entity_id   1
_entity_poly.type   'polypeptide(L)'
_entity_poly.pdbx_seq_one_letter_code
;MSQEELRQQIAELVAQYAETAMAPKPFEAGKSVVPPSGKVIGTKELQLMVEASLDGWLTTGRFNDAFEKKLGEYLGVPYV
LTTTSGSSANLLALTALTSPKLGVRALKPGDEVITVAAGFPTTVNPTIQNGLIPVFVDVDIPTYNVNASLIEAAVSDKTK
AIMIAHTLGNLFDLAEVRRVADKYNLWLIEDCCDALGSTYDGKMAGTFGDIGTVSFYPAKHITMGEGGAVFTQSAELKSI
IESFRDWGRDCYCAPGCDNTCKKRFGQQLGSLPFGYDHKYTYSHLGYNLKITDMQAACGLAQLERIEEFVEKRKANFKYL
KDALQSCADFIELPEATENSDPSWFGFPITLKEDSGVSRIDLVKFLDEAKVGTRLLFAGNLTRQPYFHDVKYRVVGELTN
TDRIMNQTFWIGIYPGLTHDHLDYVVSKFEEFFGLNF
;
_entity_poly.pdbx_strand_id   A,B
#
# COMPACT_ATOMS: atom_id res chain seq x y z
N SER A 2 13.19 -32.89 -14.18
CA SER A 2 13.29 -31.74 -15.06
C SER A 2 12.77 -30.48 -14.37
N GLN A 3 12.98 -30.40 -13.06
CA GLN A 3 12.30 -29.41 -12.23
C GLN A 3 13.24 -28.30 -11.79
N GLU A 4 14.13 -28.62 -10.86
CA GLU A 4 15.31 -27.80 -10.60
C GLU A 4 15.93 -27.30 -11.90
N GLU A 5 15.58 -27.96 -13.01
CA GLU A 5 16.41 -27.96 -14.19
C GLU A 5 15.69 -27.33 -15.41
N LEU A 6 14.38 -27.57 -15.49
CA LEU A 6 13.48 -26.62 -16.15
C LEU A 6 13.69 -25.21 -15.62
N ARG A 7 14.43 -25.10 -14.52
CA ARG A 7 14.52 -23.84 -13.78
C ARG A 7 15.88 -23.19 -13.97
N GLN A 8 16.91 -24.01 -14.16
CA GLN A 8 18.24 -23.51 -14.47
C GLN A 8 18.36 -23.16 -15.95
N GLN A 9 17.46 -23.71 -16.76
CA GLN A 9 17.46 -23.43 -18.20
C GLN A 9 16.67 -22.16 -18.51
N ILE A 10 15.60 -21.93 -17.75
CA ILE A 10 14.88 -20.67 -17.81
C ILE A 10 15.79 -19.50 -17.42
N ALA A 11 16.58 -19.70 -16.37
CA ALA A 11 17.50 -18.67 -15.91
C ALA A 11 18.47 -18.28 -17.02
N GLU A 12 18.74 -19.21 -17.92
CA GLU A 12 19.64 -18.97 -19.04
C GLU A 12 18.98 -18.06 -20.06
N LEU A 13 17.86 -18.53 -20.61
CA LEU A 13 17.12 -17.76 -21.61
C LEU A 13 16.77 -16.36 -21.09
N VAL A 14 16.90 -16.17 -19.78
CA VAL A 14 16.62 -14.89 -19.16
C VAL A 14 17.91 -14.08 -19.11
N ALA A 15 18.98 -14.69 -18.60
CA ALA A 15 20.27 -14.01 -18.51
C ALA A 15 20.75 -13.56 -19.88
N GLN A 16 20.20 -14.17 -20.92
CA GLN A 16 20.59 -13.83 -22.29
C GLN A 16 19.60 -12.86 -22.92
N TYR A 17 18.43 -12.73 -22.32
CA TYR A 17 17.41 -11.81 -22.80
C TYR A 17 17.76 -10.45 -22.21
N ALA A 18 18.39 -10.49 -21.05
CA ALA A 18 18.79 -9.28 -20.33
C ALA A 18 19.99 -8.60 -20.99
N GLU A 19 20.78 -9.38 -21.72
CA GLU A 19 21.96 -8.85 -22.40
C GLU A 19 21.55 -7.86 -23.48
N THR A 20 20.50 -8.20 -24.19
CA THR A 20 19.99 -7.35 -25.25
C THR A 20 19.05 -6.27 -24.73
N ALA A 21 18.32 -6.59 -23.67
CA ALA A 21 17.35 -5.66 -23.10
C ALA A 21 17.88 -4.58 -22.17
N MET A 22 18.72 -4.94 -21.22
CA MET A 22 19.28 -3.99 -20.26
C MET A 22 20.72 -3.67 -20.65
N ALA A 23 20.95 -3.38 -21.93
CA ALA A 23 22.28 -3.04 -22.42
C ALA A 23 22.40 -1.52 -22.58
N PRO A 24 23.35 -0.90 -21.85
CA PRO A 24 23.56 0.56 -21.92
C PRO A 24 23.87 1.06 -23.33
N LYS A 25 23.04 1.97 -23.82
CA LYS A 25 23.19 2.55 -25.15
C LYS A 25 24.32 3.59 -25.16
N PRO A 26 25.14 3.59 -26.23
CA PRO A 26 26.23 4.55 -26.32
C PRO A 26 25.66 5.98 -26.29
N PHE A 27 26.27 6.83 -25.48
CA PHE A 27 25.85 8.22 -25.38
C PHE A 27 25.91 8.92 -26.74
N GLU A 28 24.92 9.78 -27.01
CA GLU A 28 24.92 10.58 -28.23
C GLU A 28 24.33 11.96 -27.97
N ALA A 29 25.17 12.98 -28.05
CA ALA A 29 24.79 14.34 -27.66
C ALA A 29 23.65 14.78 -28.57
N GLY A 30 22.66 15.44 -27.98
CA GLY A 30 21.53 15.93 -28.76
C GLY A 30 20.39 14.94 -28.95
N LYS A 31 20.71 13.65 -28.95
CA LYS A 31 19.67 12.64 -29.13
C LYS A 31 19.43 11.88 -27.82
N SER A 32 20.52 11.52 -27.13
CA SER A 32 20.43 10.81 -25.86
C SER A 32 19.91 11.76 -24.79
N VAL A 33 19.20 11.23 -23.81
CA VAL A 33 18.69 12.06 -22.73
C VAL A 33 19.53 11.90 -21.47
N VAL A 34 19.44 12.87 -20.58
CA VAL A 34 20.16 12.81 -19.31
C VAL A 34 19.10 13.04 -18.23
N PRO A 35 18.34 11.98 -17.88
CA PRO A 35 17.29 12.08 -16.87
C PRO A 35 17.85 12.38 -15.48
N PRO A 36 17.03 12.96 -14.61
CA PRO A 36 17.46 13.28 -13.25
C PRO A 36 17.55 12.03 -12.37
N SER A 37 16.92 10.96 -12.82
CA SER A 37 16.94 9.72 -12.05
C SER A 37 16.50 8.57 -12.93
N GLY A 38 16.59 7.36 -12.40
CA GLY A 38 16.17 6.19 -13.15
C GLY A 38 16.69 4.91 -12.54
N LYS A 39 16.06 3.79 -12.90
CA LYS A 39 16.48 2.51 -12.36
C LYS A 39 17.60 1.91 -13.19
N VAL A 40 18.42 1.12 -12.51
CA VAL A 40 19.53 0.41 -13.16
C VAL A 40 19.39 -1.05 -12.77
N ILE A 41 18.67 -1.80 -13.60
CA ILE A 41 18.45 -3.22 -13.37
C ILE A 41 19.05 -4.06 -14.48
N GLY A 42 19.28 -5.34 -14.18
CA GLY A 42 19.86 -6.23 -15.15
C GLY A 42 19.45 -7.68 -15.00
N THR A 43 20.31 -8.57 -15.51
CA THR A 43 20.09 -10.01 -15.47
C THR A 43 19.61 -10.53 -14.12
N LYS A 44 20.34 -10.23 -13.07
CA LYS A 44 19.97 -10.70 -11.73
C LYS A 44 18.53 -10.32 -11.35
N GLU A 45 18.17 -9.05 -11.53
CA GLU A 45 16.82 -8.60 -11.18
C GLU A 45 15.76 -9.40 -11.92
N LEU A 46 15.88 -9.49 -13.23
CA LEU A 46 14.89 -10.23 -14.01
C LEU A 46 14.85 -11.70 -13.66
N GLN A 47 16.01 -12.26 -13.34
CA GLN A 47 16.07 -13.67 -13.00
C GLN A 47 15.29 -13.97 -11.73
N LEU A 48 15.63 -13.27 -10.65
CA LEU A 48 14.94 -13.48 -9.39
C LEU A 48 13.43 -13.26 -9.52
N MET A 49 13.01 -12.19 -10.19
CA MET A 49 11.58 -11.96 -10.35
C MET A 49 10.92 -13.17 -11.01
N VAL A 50 11.67 -13.83 -11.89
CA VAL A 50 11.14 -15.01 -12.56
C VAL A 50 11.06 -16.15 -11.55
N GLU A 51 12.09 -16.26 -10.70
CA GLU A 51 12.09 -17.29 -9.67
C GLU A 51 10.86 -17.14 -8.80
N ALA A 52 10.65 -15.94 -8.28
CA ALA A 52 9.50 -15.65 -7.44
C ALA A 52 8.21 -15.94 -8.18
N SER A 53 8.16 -15.58 -9.46
CA SER A 53 6.96 -15.82 -10.26
C SER A 53 6.69 -17.32 -10.32
N LEU A 54 7.74 -18.10 -10.51
CA LEU A 54 7.61 -19.54 -10.61
C LEU A 54 7.22 -20.16 -9.27
N ASP A 55 7.73 -19.59 -8.17
CA ASP A 55 7.42 -20.08 -6.84
C ASP A 55 5.92 -20.25 -6.64
N GLY A 56 5.15 -19.35 -7.25
CA GLY A 56 3.71 -19.41 -7.13
C GLY A 56 3.19 -19.10 -5.75
N TRP A 57 4.06 -18.56 -4.89
CA TRP A 57 3.68 -18.20 -3.52
C TRP A 57 2.97 -16.85 -3.52
N LEU A 58 3.52 -15.91 -4.30
CA LEU A 58 2.97 -14.56 -4.45
C LEU A 58 3.11 -13.60 -3.26
N THR A 59 2.62 -14.00 -2.08
CA THR A 59 2.72 -13.12 -0.91
C THR A 59 4.17 -13.14 -0.46
N THR A 60 4.54 -12.30 0.49
CA THR A 60 5.93 -12.28 0.95
C THR A 60 6.37 -13.64 1.49
N GLY A 61 7.63 -13.98 1.25
CA GLY A 61 8.12 -15.24 1.74
C GLY A 61 9.63 -15.36 1.64
N ARG A 62 10.05 -16.37 0.90
CA ARG A 62 11.46 -16.67 0.66
C ARG A 62 12.27 -15.42 0.36
N PHE A 63 11.94 -14.73 -0.73
CA PHE A 63 12.67 -13.52 -1.09
C PHE A 63 12.52 -12.36 -0.11
N ASN A 64 11.29 -12.13 0.37
CA ASN A 64 11.08 -11.03 1.29
C ASN A 64 11.91 -11.23 2.55
N ASP A 65 12.06 -12.48 2.98
CA ASP A 65 12.85 -12.78 4.18
C ASP A 65 14.31 -12.43 3.90
N ALA A 66 14.80 -12.87 2.75
CA ALA A 66 16.18 -12.61 2.35
C ALA A 66 16.43 -11.10 2.24
N PHE A 67 15.50 -10.38 1.63
CA PHE A 67 15.64 -8.93 1.46
C PHE A 67 15.69 -8.20 2.79
N GLU A 68 14.73 -8.47 3.67
CA GLU A 68 14.69 -7.78 4.96
C GLU A 68 15.95 -8.06 5.74
N LYS A 69 16.49 -9.27 5.54
CA LYS A 69 17.70 -9.68 6.24
C LYS A 69 18.92 -8.93 5.71
N LYS A 70 19.13 -8.97 4.40
CA LYS A 70 20.29 -8.31 3.82
C LYS A 70 20.26 -6.78 4.01
N LEU A 71 19.06 -6.18 4.01
CA LEU A 71 18.97 -4.74 4.19
C LEU A 71 19.33 -4.41 5.63
N GLY A 72 18.84 -5.24 6.55
CA GLY A 72 19.15 -5.02 7.96
C GLY A 72 20.65 -5.07 8.17
N GLU A 73 21.32 -5.93 7.41
CA GLU A 73 22.77 -6.08 7.51
C GLU A 73 23.43 -4.83 6.95
N TYR A 74 23.02 -4.43 5.75
CA TYR A 74 23.58 -3.23 5.12
C TYR A 74 23.38 -2.01 5.99
N LEU A 75 22.17 -1.83 6.51
CA LEU A 75 21.85 -0.69 7.36
C LEU A 75 22.42 -0.77 8.76
N GLY A 76 22.72 -1.99 9.22
CA GLY A 76 23.25 -2.15 10.56
C GLY A 76 22.15 -2.14 11.61
N VAL A 77 20.99 -2.67 11.26
CA VAL A 77 19.86 -2.73 12.21
C VAL A 77 19.26 -4.12 12.22
N PRO A 78 18.64 -4.51 13.34
CA PRO A 78 18.02 -5.83 13.49
C PRO A 78 16.64 -6.00 12.86
N TYR A 79 15.81 -4.96 12.92
CA TYR A 79 14.45 -5.04 12.39
C TYR A 79 14.16 -4.22 11.13
N VAL A 80 13.73 -4.92 10.09
CA VAL A 80 13.40 -4.30 8.82
C VAL A 80 12.08 -4.90 8.33
N LEU A 81 11.12 -4.03 8.07
CA LEU A 81 9.80 -4.46 7.59
C LEU A 81 9.53 -3.84 6.21
N THR A 82 9.17 -4.67 5.23
CA THR A 82 8.87 -4.13 3.93
C THR A 82 7.42 -3.65 3.88
N THR A 83 7.17 -2.70 2.99
CA THR A 83 5.82 -2.15 2.83
C THR A 83 5.63 -1.69 1.37
N THR A 84 4.44 -1.21 1.02
CA THR A 84 4.14 -0.84 -0.37
C THR A 84 4.91 0.29 -1.04
N SER A 85 5.44 1.22 -0.25
CA SER A 85 6.14 2.35 -0.82
C SER A 85 6.83 3.14 0.29
N GLY A 86 7.63 4.12 -0.11
CA GLY A 86 8.29 4.95 0.87
C GLY A 86 7.22 5.73 1.64
N SER A 87 6.18 6.17 0.93
CA SER A 87 5.10 6.92 1.59
C SER A 87 4.42 6.02 2.62
N SER A 88 4.19 4.76 2.28
CA SER A 88 3.55 3.85 3.23
C SER A 88 4.48 3.64 4.42
N ALA A 89 5.78 3.59 4.18
CA ALA A 89 6.73 3.40 5.26
C ALA A 89 6.59 4.57 6.23
N ASN A 90 6.60 5.79 5.70
CA ASN A 90 6.44 6.98 6.54
C ASN A 90 5.12 6.90 7.32
N LEU A 91 4.06 6.47 6.66
CA LEU A 91 2.75 6.34 7.31
C LEU A 91 2.79 5.39 8.51
N LEU A 92 3.41 4.22 8.31
CA LEU A 92 3.52 3.21 9.36
C LEU A 92 4.42 3.65 10.54
N ALA A 93 5.51 4.34 10.22
CA ALA A 93 6.45 4.84 11.22
C ALA A 93 5.78 5.79 12.21
N LEU A 94 5.07 6.79 11.68
CA LEU A 94 4.38 7.78 12.51
C LEU A 94 3.16 7.20 13.22
N THR A 95 2.41 6.35 12.52
CA THR A 95 1.20 5.76 13.08
C THR A 95 1.51 4.86 14.27
N ALA A 96 2.56 4.05 14.12
CA ALA A 96 2.98 3.13 15.15
C ALA A 96 3.24 3.84 16.49
N LEU A 97 3.75 5.06 16.43
CA LEU A 97 4.04 5.80 17.64
C LEU A 97 2.75 6.28 18.30
N THR A 98 1.60 5.93 17.73
CA THR A 98 0.32 6.34 18.31
C THR A 98 -0.26 5.19 19.12
N SER A 99 0.42 4.05 19.07
CA SER A 99 -0.01 2.86 19.80
C SER A 99 -0.12 3.04 21.30
N PRO A 100 -1.27 2.68 21.89
CA PRO A 100 -1.45 2.82 23.34
C PRO A 100 -0.45 1.98 24.13
N LYS A 101 0.28 1.10 23.45
CA LYS A 101 1.28 0.28 24.12
C LYS A 101 2.47 1.14 24.57
N LEU A 102 2.54 2.37 24.04
CA LEU A 102 3.64 3.27 24.37
C LEU A 102 3.24 4.23 25.50
N GLY A 103 2.17 3.86 26.19
CA GLY A 103 1.68 4.67 27.30
C GLY A 103 1.71 6.16 27.10
N VAL A 104 2.17 6.87 28.12
CA VAL A 104 2.23 8.33 28.12
C VAL A 104 2.92 8.96 26.90
N ARG A 105 3.85 8.25 26.26
CA ARG A 105 4.52 8.85 25.12
C ARG A 105 4.03 8.41 23.74
N ALA A 106 2.73 8.15 23.64
CA ALA A 106 2.11 7.74 22.39
C ALA A 106 1.48 8.96 21.75
N LEU A 107 1.78 9.22 20.48
CA LEU A 107 1.20 10.37 19.77
C LEU A 107 -0.32 10.39 19.84
N LYS A 108 -0.87 11.53 20.23
CA LYS A 108 -2.32 11.67 20.31
C LYS A 108 -2.76 12.81 19.40
N PRO A 109 -3.98 12.74 18.86
CA PRO A 109 -4.40 13.83 17.99
C PRO A 109 -4.20 15.14 18.76
N GLY A 110 -3.78 16.21 18.06
CA GLY A 110 -3.57 17.48 18.72
C GLY A 110 -2.11 17.73 19.02
N ASP A 111 -1.34 16.65 19.16
CA ASP A 111 0.08 16.74 19.44
C ASP A 111 0.81 17.31 18.22
N GLU A 112 1.99 17.85 18.45
CA GLU A 112 2.76 18.45 17.35
C GLU A 112 3.99 17.67 16.96
N VAL A 113 4.27 17.72 15.67
CA VAL A 113 5.43 17.05 15.08
C VAL A 113 6.21 18.14 14.35
N ILE A 114 7.48 18.30 14.72
CA ILE A 114 8.33 19.30 14.08
C ILE A 114 8.90 18.75 12.78
N THR A 115 8.83 19.55 11.72
CA THR A 115 9.35 19.12 10.42
C THR A 115 9.64 20.37 9.59
N VAL A 116 9.99 20.20 8.31
CA VAL A 116 10.26 21.36 7.46
C VAL A 116 9.28 21.38 6.31
N ALA A 117 9.05 22.55 5.74
CA ALA A 117 8.12 22.70 4.62
C ALA A 117 8.79 22.48 3.26
N ALA A 118 10.11 22.47 3.23
CA ALA A 118 10.82 22.24 1.98
C ALA A 118 11.10 20.75 1.85
N GLY A 119 10.09 19.97 1.48
CA GLY A 119 10.29 18.54 1.35
C GLY A 119 9.28 17.82 0.49
N PHE A 120 9.10 16.54 0.80
CA PHE A 120 8.16 15.72 0.05
C PHE A 120 6.87 15.58 0.86
N PRO A 121 5.71 15.67 0.19
CA PRO A 121 4.40 15.56 0.85
C PRO A 121 4.18 14.43 1.86
N THR A 122 4.46 13.20 1.48
CA THR A 122 4.24 12.07 2.39
C THR A 122 5.18 11.98 3.60
N THR A 123 6.12 12.91 3.71
CA THR A 123 7.02 12.94 4.87
C THR A 123 6.20 13.57 5.99
N VAL A 124 5.32 14.49 5.60
CA VAL A 124 4.47 15.24 6.53
C VAL A 124 3.03 14.77 6.66
N ASN A 125 2.45 14.25 5.57
CA ASN A 125 1.07 13.82 5.60
C ASN A 125 0.67 12.87 6.74
N PRO A 126 1.50 11.86 7.02
CA PRO A 126 1.15 10.92 8.11
C PRO A 126 0.79 11.66 9.39
N THR A 127 1.54 12.73 9.70
CA THR A 127 1.29 13.53 10.90
C THR A 127 -0.13 14.07 10.87
N ILE A 128 -0.50 14.66 9.74
CA ILE A 128 -1.83 15.23 9.55
C ILE A 128 -2.92 14.14 9.51
N GLN A 129 -2.60 13.02 8.88
CA GLN A 129 -3.55 11.93 8.73
C GLN A 129 -3.83 11.21 10.05
N ASN A 130 -3.03 11.50 11.07
CA ASN A 130 -3.24 10.91 12.38
C ASN A 130 -3.81 11.96 13.32
N GLY A 131 -4.19 13.10 12.76
CA GLY A 131 -4.76 14.15 13.59
C GLY A 131 -3.74 14.97 14.36
N LEU A 132 -2.46 14.87 14.01
CA LEU A 132 -1.46 15.67 14.69
C LEU A 132 -1.25 16.98 13.94
N ILE A 133 -0.49 17.88 14.55
CA ILE A 133 -0.26 19.19 13.97
C ILE A 133 1.20 19.37 13.58
N PRO A 134 1.46 19.61 12.29
CA PRO A 134 2.83 19.82 11.80
C PRO A 134 3.32 21.20 12.21
N VAL A 135 4.57 21.28 12.64
CA VAL A 135 5.19 22.54 13.04
C VAL A 135 6.46 22.70 12.19
N PHE A 136 6.47 23.71 11.32
CA PHE A 136 7.62 23.91 10.43
C PHE A 136 8.66 24.97 10.84
N VAL A 137 9.90 24.72 10.43
CA VAL A 137 11.02 25.65 10.63
C VAL A 137 11.78 25.67 9.30
N ASP A 138 12.39 26.79 8.98
CA ASP A 138 13.11 26.94 7.71
C ASP A 138 14.30 26.00 7.50
N VAL A 139 14.69 25.84 6.24
CA VAL A 139 15.84 25.00 5.90
C VAL A 139 17.02 25.89 5.54
N ASP A 140 18.13 25.27 5.16
CA ASP A 140 19.33 26.00 4.79
C ASP A 140 19.77 25.65 3.37
N ILE A 141 20.26 26.66 2.65
CA ILE A 141 21.02 26.43 1.43
C ILE A 141 22.52 26.59 1.67
N PRO A 142 23.32 25.78 0.99
CA PRO A 142 22.81 24.94 -0.10
C PRO A 142 22.87 23.46 0.25
N THR A 143 22.73 23.15 1.54
CA THR A 143 22.53 21.76 1.98
C THR A 143 21.09 21.33 1.76
N TYR A 144 20.17 22.28 1.80
CA TYR A 144 18.76 22.01 1.58
C TYR A 144 18.11 21.13 2.66
N ASN A 145 18.67 21.20 3.87
CA ASN A 145 18.15 20.48 5.00
C ASN A 145 17.82 21.47 6.12
N VAL A 146 17.05 21.02 7.10
CA VAL A 146 16.58 21.89 8.17
C VAL A 146 17.72 22.77 8.69
N ASN A 147 17.40 24.03 8.94
CA ASN A 147 18.21 24.86 9.81
C ASN A 147 18.12 24.43 11.28
N ALA A 148 18.87 23.40 11.64
CA ALA A 148 18.80 22.84 12.98
C ALA A 148 18.66 23.81 14.15
N SER A 149 19.35 24.95 14.07
CA SER A 149 19.29 25.92 15.16
C SER A 149 17.89 26.49 15.39
N LEU A 150 16.95 26.18 14.51
CA LEU A 150 15.59 26.69 14.64
C LEU A 150 14.63 25.69 15.30
N ILE A 151 15.05 24.45 15.42
CA ILE A 151 14.24 23.39 16.02
C ILE A 151 13.80 23.79 17.43
N GLU A 152 14.79 24.04 18.29
CA GLU A 152 14.59 24.43 19.68
C GLU A 152 13.40 25.35 19.94
N ALA A 153 13.34 26.47 19.24
CA ALA A 153 12.26 27.43 19.43
C ALA A 153 10.89 26.94 18.97
N ALA A 154 10.87 25.88 18.16
CA ALA A 154 9.60 25.34 17.68
C ALA A 154 9.01 24.33 18.66
N VAL A 155 9.78 23.95 19.66
CA VAL A 155 9.33 22.98 20.65
C VAL A 155 8.38 23.63 21.66
N SER A 156 7.35 22.89 22.04
CA SER A 156 6.38 23.37 23.01
C SER A 156 5.86 22.20 23.85
N ASP A 157 4.89 22.50 24.71
CA ASP A 157 4.29 21.50 25.58
C ASP A 157 3.57 20.41 24.79
N LYS A 158 3.23 20.70 23.53
CA LYS A 158 2.54 19.74 22.69
C LYS A 158 3.44 18.97 21.74
N THR A 159 4.73 19.31 21.72
CA THR A 159 5.66 18.65 20.84
C THR A 159 5.97 17.25 21.35
N LYS A 160 5.79 16.25 20.49
CA LYS A 160 6.04 14.87 20.88
C LYS A 160 7.00 14.16 19.95
N ALA A 161 7.29 14.76 18.80
CA ALA A 161 8.20 14.11 17.88
C ALA A 161 8.74 15.01 16.79
N ILE A 162 9.76 14.51 16.12
CA ILE A 162 10.38 15.20 15.01
C ILE A 162 10.51 14.19 13.89
N MET A 163 9.96 14.55 12.72
CA MET A 163 10.03 13.68 11.55
C MET A 163 10.50 14.54 10.38
N ILE A 164 11.71 14.25 9.92
CA ILE A 164 12.32 15.00 8.84
C ILE A 164 13.07 14.07 7.91
N ALA A 165 13.23 14.47 6.66
CA ALA A 165 13.93 13.64 5.70
C ALA A 165 15.33 14.19 5.40
N HIS A 166 16.28 13.29 5.12
CA HIS A 166 17.63 13.69 4.76
C HIS A 166 17.48 14.02 3.28
N THR A 167 17.07 15.25 3.02
CA THR A 167 16.79 15.73 1.67
C THR A 167 17.84 15.48 0.61
N LEU A 168 17.40 14.82 -0.46
CA LEU A 168 18.25 14.47 -1.60
C LEU A 168 19.53 13.71 -1.30
N GLY A 169 19.55 12.99 -0.18
CA GLY A 169 20.74 12.22 0.16
C GLY A 169 21.61 12.96 1.15
N ASN A 170 21.54 14.29 1.13
CA ASN A 170 22.33 15.08 2.05
C ASN A 170 21.70 14.92 3.43
N LEU A 171 22.55 14.90 4.45
CA LEU A 171 22.08 14.67 5.82
C LEU A 171 21.82 16.00 6.53
N PHE A 172 20.70 16.07 7.24
CA PHE A 172 20.45 17.17 8.16
C PHE A 172 21.32 17.07 9.41
N ASP A 173 21.33 18.12 10.22
CA ASP A 173 22.26 18.24 11.31
C ASP A 173 21.88 17.31 12.46
N LEU A 174 22.22 16.03 12.32
CA LEU A 174 21.83 15.03 13.30
C LEU A 174 22.24 15.38 14.72
N ALA A 175 23.45 15.93 14.85
CA ALA A 175 23.98 16.32 16.15
C ALA A 175 23.00 17.23 16.88
N GLU A 176 22.57 18.31 16.20
CA GLU A 176 21.64 19.24 16.82
C GLU A 176 20.25 18.64 16.99
N VAL A 177 19.77 17.93 15.97
CA VAL A 177 18.45 17.31 16.03
C VAL A 177 18.34 16.35 17.21
N ARG A 178 19.26 15.38 17.27
CA ARG A 178 19.25 14.44 18.38
C ARG A 178 19.37 15.19 19.70
N ARG A 179 20.31 16.13 19.77
CA ARG A 179 20.50 16.91 20.97
C ARG A 179 19.14 17.45 21.42
N VAL A 180 18.41 18.05 20.49
CA VAL A 180 17.10 18.61 20.81
C VAL A 180 16.06 17.54 21.11
N ALA A 181 16.16 16.41 20.40
CA ALA A 181 15.22 15.32 20.61
C ALA A 181 15.43 14.69 21.98
N ASP A 182 16.67 14.34 22.29
CA ASP A 182 17.00 13.73 23.56
C ASP A 182 16.68 14.64 24.74
N LYS A 183 16.83 15.94 24.54
CA LYS A 183 16.55 16.90 25.59
C LYS A 183 15.08 16.84 25.98
N TYR A 184 14.21 17.09 25.00
CA TYR A 184 12.77 17.08 25.26
C TYR A 184 12.11 15.70 25.19
N ASN A 185 12.93 14.66 25.06
CA ASN A 185 12.44 13.28 24.99
C ASN A 185 11.44 13.10 23.85
N LEU A 186 11.73 13.74 22.73
CA LEU A 186 10.89 13.67 21.55
C LEU A 186 11.25 12.45 20.72
N TRP A 187 10.23 11.87 20.06
CA TRP A 187 10.43 10.73 19.18
C TRP A 187 11.13 11.27 17.93
N LEU A 188 11.99 10.48 17.32
CA LEU A 188 12.66 10.94 16.11
C LEU A 188 12.51 9.97 14.93
N ILE A 189 11.90 10.44 13.85
CA ILE A 189 11.75 9.60 12.66
C ILE A 189 12.59 10.15 11.51
N GLU A 190 13.50 9.31 11.01
CA GLU A 190 14.38 9.67 9.91
C GLU A 190 13.85 9.18 8.56
N ASP A 191 13.32 10.08 7.75
CA ASP A 191 12.86 9.70 6.42
C ASP A 191 14.13 9.67 5.55
N CYS A 192 14.57 8.45 5.23
CA CYS A 192 15.76 8.19 4.42
C CYS A 192 15.36 7.68 3.05
N CYS A 193 14.15 8.01 2.61
CA CYS A 193 13.69 7.54 1.31
C CYS A 193 14.59 7.96 0.14
N ASP A 194 15.36 9.02 0.31
CA ASP A 194 16.26 9.46 -0.75
C ASP A 194 17.70 9.43 -0.26
N ALA A 195 17.93 8.75 0.87
CA ALA A 195 19.26 8.71 1.46
C ALA A 195 19.81 7.34 1.83
N LEU A 196 19.53 6.32 1.03
CA LEU A 196 20.03 5.00 1.34
C LEU A 196 21.55 4.99 1.11
N GLY A 197 22.31 4.72 2.18
CA GLY A 197 23.76 4.69 2.06
C GLY A 197 24.42 5.93 2.63
N SER A 198 23.64 6.94 2.92
CA SER A 198 24.16 8.18 3.48
C SER A 198 24.65 7.94 4.90
N THR A 199 25.78 8.54 5.24
CA THR A 199 26.34 8.40 6.58
C THR A 199 26.54 9.78 7.17
N TYR A 200 26.51 9.84 8.50
CA TYR A 200 26.72 11.08 9.23
C TYR A 200 27.58 10.72 10.44
N ASP A 201 28.79 11.29 10.48
CA ASP A 201 29.70 11.01 11.58
C ASP A 201 30.08 9.54 11.49
N GLY A 202 30.09 9.03 10.25
CA GLY A 202 30.44 7.64 10.02
C GLY A 202 29.32 6.63 10.22
N LYS A 203 28.24 7.04 10.88
CA LYS A 203 27.11 6.15 11.15
C LYS A 203 25.99 6.22 10.08
N MET A 204 25.61 5.06 9.57
CA MET A 204 24.57 4.92 8.55
C MET A 204 23.29 5.72 8.85
N ALA A 205 22.78 6.44 7.86
CA ALA A 205 21.58 7.25 8.03
C ALA A 205 20.33 6.41 8.29
N GLY A 206 19.55 6.80 9.28
CA GLY A 206 18.34 6.07 9.60
C GLY A 206 18.47 5.27 10.87
N THR A 207 19.67 5.30 11.45
CA THR A 207 19.95 4.55 12.66
C THR A 207 20.26 5.46 13.85
N PHE A 208 19.95 6.75 13.71
CA PHE A 208 20.20 7.69 14.81
C PHE A 208 18.91 7.90 15.58
N GLY A 209 17.79 7.74 14.90
CA GLY A 209 16.51 7.93 15.56
C GLY A 209 15.79 6.63 15.90
N ASP A 210 14.53 6.75 16.31
CA ASP A 210 13.76 5.58 16.67
C ASP A 210 13.30 4.75 15.47
N ILE A 211 12.76 5.39 14.44
CA ILE A 211 12.32 4.65 13.26
C ILE A 211 12.95 5.24 12.00
N GLY A 212 13.21 4.38 11.02
CA GLY A 212 13.78 4.82 9.76
C GLY A 212 12.91 4.31 8.62
N THR A 213 12.88 5.04 7.50
CA THR A 213 12.07 4.65 6.34
C THR A 213 12.88 4.85 5.06
N VAL A 214 12.61 4.04 4.05
CA VAL A 214 13.30 4.15 2.77
C VAL A 214 12.29 3.77 1.70
N SER A 215 12.54 4.23 0.47
CA SER A 215 11.65 3.96 -0.66
C SER A 215 12.30 3.16 -1.78
N PHE A 216 11.51 2.39 -2.52
CA PHE A 216 12.07 1.62 -3.64
C PHE A 216 11.37 1.93 -4.96
N TYR A 217 10.93 3.18 -5.09
CA TYR A 217 10.30 3.67 -6.31
C TYR A 217 11.48 3.71 -7.32
N PRO A 218 11.21 3.55 -8.62
CA PRO A 218 12.31 3.56 -9.62
C PRO A 218 13.33 4.70 -9.56
N ALA A 219 12.92 5.87 -9.08
CA ALA A 219 13.81 7.01 -9.01
C ALA A 219 14.80 6.92 -7.86
N LYS A 220 14.53 6.02 -6.90
CA LYS A 220 15.39 5.91 -5.73
C LYS A 220 16.65 5.02 -5.89
N HIS A 221 17.48 4.96 -4.85
CA HIS A 221 18.72 4.17 -4.91
C HIS A 221 18.58 2.77 -5.48
N ILE A 222 17.63 1.98 -4.97
CA ILE A 222 17.38 0.64 -5.50
C ILE A 222 15.88 0.57 -5.69
N THR A 223 15.40 -0.32 -6.56
CA THR A 223 13.97 -0.37 -6.79
C THR A 223 13.26 -1.74 -6.77
N MET A 224 11.95 -1.72 -6.56
CA MET A 224 11.12 -2.90 -6.74
C MET A 224 9.94 -2.63 -7.66
N GLY A 225 10.06 -1.61 -8.50
CA GLY A 225 8.91 -0.86 -8.97
C GLY A 225 8.22 0.03 -7.96
N GLU A 226 7.51 -0.58 -7.02
CA GLU A 226 6.84 0.16 -5.96
C GLU A 226 7.16 -0.66 -4.72
N GLY A 227 7.59 0.02 -3.66
CA GLY A 227 7.93 -0.67 -2.43
C GLY A 227 8.74 0.23 -1.53
N GLY A 228 8.85 -0.16 -0.26
CA GLY A 228 9.63 0.61 0.69
C GLY A 228 9.85 -0.23 1.93
N ALA A 229 10.42 0.35 2.99
CA ALA A 229 10.65 -0.38 4.21
C ALA A 229 10.78 0.49 5.45
N VAL A 230 10.32 -0.05 6.57
CA VAL A 230 10.43 0.61 7.86
C VAL A 230 11.46 -0.24 8.59
N PHE A 231 12.41 0.41 9.27
CA PHE A 231 13.43 -0.31 10.01
C PHE A 231 13.66 0.38 11.34
N THR A 232 14.07 -0.41 12.33
CA THR A 232 14.26 0.11 13.68
C THR A 232 15.20 -0.80 14.45
N GLN A 233 15.57 -0.38 15.65
CA GLN A 233 16.45 -1.17 16.48
C GLN A 233 15.65 -1.69 17.66
N SER A 234 14.42 -1.18 17.78
CA SER A 234 13.52 -1.55 18.86
C SER A 234 12.56 -2.68 18.49
N ALA A 235 12.58 -3.74 19.29
CA ALA A 235 11.70 -4.88 19.08
C ALA A 235 10.27 -4.45 19.33
N GLU A 236 10.07 -3.57 20.29
CA GLU A 236 8.73 -3.08 20.59
C GLU A 236 8.14 -2.33 19.40
N LEU A 237 8.88 -1.39 18.83
CA LEU A 237 8.38 -0.63 17.68
C LEU A 237 8.16 -1.56 16.48
N LYS A 238 9.05 -2.52 16.30
CA LYS A 238 8.96 -3.47 15.22
C LYS A 238 7.63 -4.22 15.31
N SER A 239 7.26 -4.62 16.52
CA SER A 239 6.00 -5.33 16.71
C SER A 239 4.78 -4.45 16.46
N ILE A 240 4.84 -3.20 16.91
CA ILE A 240 3.73 -2.28 16.69
C ILE A 240 3.54 -2.06 15.18
N ILE A 241 4.65 -1.74 14.48
CA ILE A 241 4.64 -1.47 13.04
C ILE A 241 3.99 -2.61 12.26
N GLU A 242 4.53 -3.81 12.47
CA GLU A 242 4.05 -5.02 11.80
C GLU A 242 2.55 -5.23 11.97
N SER A 243 2.05 -4.94 13.17
CA SER A 243 0.64 -5.07 13.46
C SER A 243 -0.17 -4.09 12.60
N PHE A 244 0.28 -2.84 12.55
CA PHE A 244 -0.40 -1.83 11.74
C PHE A 244 -0.36 -2.20 10.26
N ARG A 245 0.76 -2.77 9.83
CA ARG A 245 0.89 -3.18 8.43
C ARG A 245 -0.01 -4.37 8.14
N ASP A 246 -0.10 -5.27 9.10
CA ASP A 246 -0.90 -6.47 8.92
C ASP A 246 -2.32 -6.47 9.51
N TRP A 247 -3.16 -5.57 9.02
CA TRP A 247 -4.57 -5.46 9.42
C TRP A 247 -4.78 -5.05 10.87
N GLY A 248 -3.70 -4.62 11.52
CA GLY A 248 -3.80 -4.23 12.91
C GLY A 248 -4.00 -5.44 13.82
N ARG A 249 -3.66 -6.62 13.31
CA ARG A 249 -3.87 -7.86 14.05
C ARG A 249 -2.79 -8.05 15.12
N ASP A 250 -3.19 -8.56 16.27
CA ASP A 250 -2.29 -8.67 17.41
C ASP A 250 -1.11 -9.58 17.09
N CYS A 251 -0.08 -9.54 17.95
CA CYS A 251 1.25 -9.99 17.56
C CYS A 251 1.63 -11.26 18.30
N GLN A 268 -6.21 -8.95 29.31
CA GLN A 268 -6.29 -8.40 27.96
C GLN A 268 -7.53 -7.55 27.73
N LEU A 269 -7.49 -6.73 26.68
CA LEU A 269 -8.60 -5.83 26.34
C LEU A 269 -9.71 -6.48 25.53
N GLY A 270 -10.78 -5.73 25.30
CA GLY A 270 -11.90 -6.25 24.54
C GLY A 270 -12.69 -7.29 25.30
N SER A 271 -13.76 -7.77 24.69
CA SER A 271 -14.61 -8.77 25.32
C SER A 271 -14.90 -9.92 24.35
N LEU A 272 -13.85 -10.42 23.73
CA LEU A 272 -13.98 -11.52 22.79
C LEU A 272 -14.12 -12.84 23.57
N PRO A 273 -14.87 -13.79 23.01
CA PRO A 273 -15.06 -15.08 23.69
C PRO A 273 -13.74 -15.84 23.77
N PHE A 274 -13.62 -16.68 24.79
CA PHE A 274 -12.42 -17.48 24.98
C PHE A 274 -12.18 -18.35 23.75
N GLY A 275 -10.91 -18.49 23.36
CA GLY A 275 -10.58 -19.30 22.21
C GLY A 275 -10.77 -18.66 20.84
N TYR A 276 -11.11 -17.37 20.82
CA TYR A 276 -11.30 -16.67 19.54
C TYR A 276 -9.96 -16.66 18.82
N ASP A 277 -9.98 -16.99 17.53
CA ASP A 277 -8.78 -17.05 16.70
C ASP A 277 -7.87 -15.84 16.88
N HIS A 278 -6.60 -16.08 17.21
CA HIS A 278 -5.64 -14.98 17.39
C HIS A 278 -5.51 -14.25 16.05
N LYS A 279 -5.53 -15.01 14.97
CA LYS A 279 -5.44 -14.48 13.61
C LYS A 279 -6.48 -13.38 13.37
N TYR A 280 -7.59 -13.45 14.11
CA TYR A 280 -8.66 -12.48 13.98
C TYR A 280 -8.88 -11.64 15.24
N THR A 281 -7.80 -11.40 15.98
CA THR A 281 -7.84 -10.56 17.18
C THR A 281 -7.04 -9.32 16.80
N TYR A 282 -7.69 -8.16 16.87
CA TYR A 282 -7.06 -6.91 16.45
C TYR A 282 -6.71 -5.92 17.55
N SER A 283 -5.42 -5.68 17.69
CA SER A 283 -4.88 -4.76 18.71
C SER A 283 -4.62 -3.35 18.23
N HIS A 284 -4.73 -3.09 16.93
CA HIS A 284 -4.49 -1.74 16.42
C HIS A 284 -5.39 -1.36 15.25
N LEU A 285 -5.54 -0.06 15.05
CA LEU A 285 -6.33 0.50 13.95
C LEU A 285 -5.38 0.34 12.76
N GLY A 286 -5.42 -0.83 12.12
CA GLY A 286 -4.51 -1.11 11.04
C GLY A 286 -4.93 -0.91 9.61
N TYR A 287 -3.99 -1.26 8.73
CA TYR A 287 -4.11 -1.17 7.28
C TYR A 287 -3.66 -2.53 6.76
N ASN A 288 -3.44 -2.59 5.47
CA ASN A 288 -2.88 -3.78 4.82
C ASN A 288 -1.93 -3.17 3.80
N LEU A 289 -0.75 -2.82 4.29
CA LEU A 289 0.34 -2.37 3.46
C LEU A 289 1.53 -3.31 3.25
N LYS A 290 1.27 -4.49 2.70
CA LYS A 290 2.33 -5.45 2.42
C LYS A 290 2.58 -5.57 0.92
N ILE A 291 3.72 -6.14 0.55
CA ILE A 291 4.04 -6.32 -0.86
C ILE A 291 4.11 -7.79 -1.22
N THR A 292 4.51 -8.05 -2.46
CA THR A 292 4.61 -9.41 -2.96
C THR A 292 6.06 -9.87 -2.95
N ASP A 293 6.28 -11.18 -3.07
CA ASP A 293 7.65 -11.68 -3.06
C ASP A 293 8.29 -11.29 -4.39
N MET A 294 7.47 -11.05 -5.42
CA MET A 294 7.97 -10.63 -6.72
C MET A 294 8.77 -9.34 -6.53
N GLN A 295 8.15 -8.38 -5.88
CA GLN A 295 8.80 -7.11 -5.58
C GLN A 295 10.01 -7.40 -4.72
N ALA A 296 9.84 -8.23 -3.71
CA ALA A 296 10.95 -8.57 -2.81
C ALA A 296 12.16 -9.08 -3.60
N ALA A 297 11.91 -9.90 -4.62
CA ALA A 297 12.97 -10.46 -5.45
C ALA A 297 13.79 -9.36 -6.13
N CYS A 298 13.10 -8.48 -6.85
CA CYS A 298 13.75 -7.38 -7.55
C CYS A 298 14.63 -6.63 -6.57
N GLY A 299 14.07 -6.33 -5.41
CA GLY A 299 14.84 -5.63 -4.40
C GLY A 299 16.08 -6.38 -3.94
N LEU A 300 15.95 -7.70 -3.79
CA LEU A 300 17.08 -8.52 -3.34
C LEU A 300 18.25 -8.41 -4.32
N ALA A 301 17.97 -8.59 -5.61
CA ALA A 301 19.00 -8.48 -6.63
C ALA A 301 19.68 -7.11 -6.53
N GLN A 302 18.85 -6.06 -6.49
CA GLN A 302 19.33 -4.68 -6.39
C GLN A 302 20.29 -4.50 -5.22
N LEU A 303 20.03 -5.19 -4.11
CA LEU A 303 20.88 -5.07 -2.93
C LEU A 303 22.35 -5.41 -3.19
N GLU A 304 22.61 -6.21 -4.22
CA GLU A 304 23.98 -6.55 -4.50
C GLU A 304 24.72 -5.32 -5.04
N ARG A 305 24.02 -4.55 -5.88
CA ARG A 305 24.58 -3.37 -6.51
C ARG A 305 24.53 -2.07 -5.70
N ILE A 306 23.99 -2.11 -4.49
CA ILE A 306 23.88 -0.90 -3.69
C ILE A 306 25.21 -0.21 -3.38
N GLU A 307 26.22 -0.98 -3.00
CA GLU A 307 27.51 -0.39 -2.68
C GLU A 307 28.12 0.28 -3.90
N GLU A 308 27.94 -0.36 -5.05
CA GLU A 308 28.42 0.17 -6.31
C GLU A 308 27.71 1.50 -6.56
N PHE A 309 26.38 1.44 -6.53
CA PHE A 309 25.53 2.61 -6.73
C PHE A 309 25.91 3.79 -5.84
N VAL A 310 26.04 3.56 -4.55
CA VAL A 310 26.39 4.62 -3.61
C VAL A 310 27.73 5.27 -3.96
N GLU A 311 28.70 4.44 -4.31
CA GLU A 311 30.03 4.91 -4.69
C GLU A 311 29.95 5.73 -5.98
N LYS A 312 29.17 5.23 -6.94
CA LYS A 312 29.00 5.91 -8.21
C LYS A 312 28.30 7.27 -8.07
N ARG A 313 27.29 7.34 -7.22
CA ARG A 313 26.57 8.59 -7.01
C ARG A 313 27.51 9.63 -6.42
N LYS A 314 28.36 9.22 -5.49
CA LYS A 314 29.30 10.15 -4.88
C LYS A 314 30.29 10.65 -5.94
N ALA A 315 30.70 9.75 -6.83
CA ALA A 315 31.64 10.06 -7.89
C ALA A 315 31.06 11.10 -8.83
N ASN A 316 29.91 10.78 -9.42
CA ASN A 316 29.23 11.69 -10.34
C ASN A 316 29.01 13.06 -9.70
N PHE A 317 28.74 13.08 -8.40
CA PHE A 317 28.51 14.34 -7.71
C PHE A 317 29.78 15.20 -7.71
N LYS A 318 30.88 14.60 -7.27
CA LYS A 318 32.15 15.30 -7.18
C LYS A 318 32.56 15.81 -8.57
N TYR A 319 32.47 14.94 -9.56
CA TYR A 319 32.81 15.28 -10.92
C TYR A 319 31.97 16.46 -11.40
N LEU A 320 30.67 16.25 -11.52
CA LEU A 320 29.74 17.29 -11.97
C LEU A 320 29.93 18.63 -11.27
N LYS A 321 30.04 18.62 -9.95
CA LYS A 321 30.21 19.85 -9.20
C LYS A 321 31.53 20.55 -9.52
N ASP A 322 32.58 19.77 -9.72
CA ASP A 322 33.88 20.34 -10.05
C ASP A 322 33.77 21.06 -11.38
N ALA A 323 33.24 20.34 -12.36
CA ALA A 323 33.05 20.89 -13.69
C ALA A 323 32.14 22.13 -13.70
N LEU A 324 31.08 22.10 -12.92
CA LEU A 324 30.11 23.19 -12.85
C LEU A 324 30.59 24.39 -12.03
N GLN A 325 31.79 24.30 -11.48
CA GLN A 325 32.30 25.40 -10.68
C GLN A 325 32.51 26.64 -11.56
N SER A 326 32.50 26.42 -12.87
CA SER A 326 32.69 27.50 -13.83
C SER A 326 31.51 28.45 -13.91
N CYS A 327 30.38 28.04 -13.35
CA CYS A 327 29.18 28.85 -13.37
C CYS A 327 28.86 29.44 -12.00
N ALA A 328 29.76 29.25 -11.04
CA ALA A 328 29.55 29.73 -9.69
C ALA A 328 28.97 31.15 -9.56
N ASP A 329 29.13 31.97 -10.60
CA ASP A 329 28.61 33.35 -10.55
C ASP A 329 27.11 33.44 -10.76
N PHE A 330 26.54 32.44 -11.42
CA PHE A 330 25.10 32.43 -11.72
C PHE A 330 24.31 31.43 -10.90
N ILE A 331 24.95 30.34 -10.49
CA ILE A 331 24.27 29.32 -9.71
C ILE A 331 25.05 28.88 -8.48
N GLU A 332 24.32 28.57 -7.42
CA GLU A 332 24.92 28.13 -6.18
C GLU A 332 25.00 26.60 -6.20
N LEU A 333 26.22 26.07 -6.04
CA LEU A 333 26.41 24.63 -6.08
C LEU A 333 26.15 23.97 -4.73
N PRO A 334 25.68 22.70 -4.75
CA PRO A 334 25.37 21.94 -3.54
C PRO A 334 26.53 21.67 -2.60
N GLU A 335 26.22 21.58 -1.30
CA GLU A 335 27.23 21.33 -0.30
C GLU A 335 26.79 20.31 0.75
N ALA A 336 27.56 19.23 0.87
CA ALA A 336 27.25 18.19 1.84
C ALA A 336 27.25 18.81 3.23
N THR A 337 26.39 18.30 4.10
CA THR A 337 26.31 18.80 5.46
C THR A 337 27.60 18.44 6.21
N GLU A 338 28.03 19.35 7.09
CA GLU A 338 29.26 19.14 7.84
C GLU A 338 29.31 17.79 8.54
N ASN A 339 30.43 17.10 8.37
CA ASN A 339 30.67 15.81 8.97
C ASN A 339 29.68 14.76 8.49
N SER A 340 29.50 14.68 7.17
CA SER A 340 28.59 13.70 6.62
C SER A 340 29.10 13.23 5.26
N ASP A 341 28.74 12.02 4.88
CA ASP A 341 29.15 11.48 3.59
C ASP A 341 27.87 11.14 2.84
N PRO A 342 27.21 12.17 2.31
CA PRO A 342 25.90 12.02 1.69
C PRO A 342 25.95 11.11 0.47
N SER A 343 25.11 10.08 0.46
CA SER A 343 24.84 9.32 -0.76
C SER A 343 23.85 10.05 -1.65
N TRP A 344 24.35 10.96 -2.47
CA TRP A 344 23.50 11.83 -3.27
C TRP A 344 22.43 11.12 -4.09
N PHE A 345 21.21 11.66 -3.99
CA PHE A 345 20.03 11.17 -4.70
C PHE A 345 19.96 11.93 -6.01
N GLY A 346 20.25 13.22 -5.92
CA GLY A 346 20.24 14.09 -7.09
C GLY A 346 21.19 15.24 -6.84
N PHE A 347 21.34 16.12 -7.83
CA PHE A 347 22.25 17.27 -7.73
C PHE A 347 21.44 18.57 -7.67
N PRO A 348 21.24 19.12 -6.46
CA PRO A 348 20.48 20.37 -6.26
C PRO A 348 21.24 21.66 -6.59
N ILE A 349 20.60 22.52 -7.39
CA ILE A 349 21.18 23.78 -7.81
C ILE A 349 20.21 24.95 -7.64
N THR A 350 20.68 26.02 -7.02
CA THR A 350 19.87 27.22 -6.84
C THR A 350 20.34 28.34 -7.76
N LEU A 351 19.48 28.74 -8.69
CA LEU A 351 19.80 29.80 -9.63
C LEU A 351 19.68 31.18 -8.99
N LYS A 352 20.73 31.97 -9.10
CA LYS A 352 20.77 33.28 -8.45
C LYS A 352 19.71 34.22 -9.04
N GLU A 353 19.03 34.96 -8.16
CA GLU A 353 17.96 35.85 -8.60
C GLU A 353 18.49 36.93 -9.53
N ASP A 354 19.68 37.45 -9.22
CA ASP A 354 20.24 38.57 -9.96
C ASP A 354 20.96 38.10 -11.22
N SER A 355 20.67 36.87 -11.62
CA SER A 355 21.29 36.28 -12.81
C SER A 355 20.69 36.87 -14.09
N GLY A 356 19.54 37.50 -13.96
CA GLY A 356 18.91 38.09 -15.13
C GLY A 356 17.95 37.19 -15.89
N VAL A 357 17.81 35.94 -15.45
CA VAL A 357 16.89 35.01 -16.11
C VAL A 357 16.06 34.25 -15.08
N SER A 358 15.11 33.46 -15.55
CA SER A 358 14.24 32.68 -14.67
C SER A 358 14.51 31.19 -14.71
N ARG A 359 14.21 30.51 -13.61
CA ARG A 359 14.38 29.08 -13.52
C ARG A 359 13.62 28.50 -14.71
N ILE A 360 12.48 29.09 -15.02
CA ILE A 360 11.64 28.67 -16.15
C ILE A 360 12.48 28.65 -17.43
N ASP A 361 13.29 29.70 -17.62
CA ASP A 361 14.12 29.79 -18.82
C ASP A 361 15.14 28.66 -18.84
N LEU A 362 15.86 28.52 -17.72
CA LEU A 362 16.87 27.49 -17.60
C LEU A 362 16.28 26.09 -17.80
N VAL A 363 15.21 25.76 -17.08
CA VAL A 363 14.58 24.45 -17.22
C VAL A 363 14.17 24.24 -18.69
N LYS A 364 13.47 25.21 -19.25
CA LYS A 364 13.01 25.11 -20.62
C LYS A 364 14.20 24.91 -21.56
N PHE A 365 15.31 25.57 -21.27
CA PHE A 365 16.50 25.45 -22.10
C PHE A 365 17.09 24.04 -22.00
N LEU A 366 17.30 23.59 -20.76
CA LEU A 366 17.84 22.26 -20.51
C LEU A 366 16.92 21.19 -21.07
N ASP A 367 15.62 21.42 -20.94
CA ASP A 367 14.62 20.48 -21.43
C ASP A 367 14.84 20.23 -22.92
N GLU A 368 15.05 21.31 -23.67
CA GLU A 368 15.28 21.20 -25.10
C GLU A 368 16.58 20.47 -25.38
N ALA A 369 17.57 20.70 -24.53
CA ALA A 369 18.89 20.06 -24.66
C ALA A 369 18.90 18.61 -24.20
N LYS A 370 17.73 18.10 -23.76
CA LYS A 370 17.59 16.72 -23.29
C LYS A 370 18.14 16.49 -21.89
N VAL A 371 18.32 17.57 -21.14
CA VAL A 371 18.82 17.48 -19.78
C VAL A 371 17.63 17.61 -18.82
N GLY A 372 17.25 16.49 -18.22
CA GLY A 372 16.12 16.51 -17.32
C GLY A 372 16.37 17.26 -16.03
N THR A 373 15.33 17.94 -15.55
CA THR A 373 15.42 18.67 -14.29
C THR A 373 14.16 18.38 -13.47
N ARG A 374 14.24 18.66 -12.17
CA ARG A 374 13.13 18.46 -11.27
C ARG A 374 13.17 19.55 -10.23
N LEU A 375 12.00 20.07 -9.86
CA LEU A 375 11.99 21.07 -8.82
C LEU A 375 12.16 20.29 -7.51
N LEU A 376 12.46 20.97 -6.41
CA LEU A 376 12.66 20.28 -5.13
C LEU A 376 11.34 19.84 -4.48
N PHE A 377 10.63 18.96 -5.19
CA PHE A 377 9.36 18.41 -4.74
C PHE A 377 8.37 19.54 -4.48
N ALA A 378 7.65 19.48 -3.36
CA ALA A 378 6.67 20.52 -3.05
C ALA A 378 7.17 21.97 -2.91
N GLY A 379 8.49 22.15 -2.89
CA GLY A 379 9.02 23.50 -2.73
C GLY A 379 8.71 24.03 -1.35
N ASN A 380 7.47 24.49 -1.16
CA ASN A 380 7.02 24.97 0.14
C ASN A 380 5.64 24.38 0.37
N LEU A 381 5.59 23.33 1.18
CA LEU A 381 4.35 22.64 1.48
C LEU A 381 3.19 23.56 1.88
N THR A 382 3.46 24.55 2.73
CA THR A 382 2.41 25.46 3.16
C THR A 382 1.78 26.25 2.02
N ARG A 383 2.43 26.28 0.86
CA ARG A 383 1.89 27.00 -0.29
C ARG A 383 1.26 26.05 -1.31
N GLN A 384 1.18 24.78 -0.98
CA GLN A 384 0.59 23.81 -1.90
C GLN A 384 -0.91 23.89 -1.72
N PRO A 385 -1.67 23.75 -2.81
CA PRO A 385 -3.13 23.82 -2.72
C PRO A 385 -3.78 22.94 -1.66
N TYR A 386 -3.28 21.72 -1.44
CA TYR A 386 -3.94 20.86 -0.43
C TYR A 386 -3.68 21.33 0.97
N PHE A 387 -2.79 22.29 1.16
CA PHE A 387 -2.51 22.80 2.51
C PHE A 387 -3.40 23.99 2.86
N HIS A 388 -4.32 24.34 1.96
CA HIS A 388 -5.21 25.48 2.17
C HIS A 388 -5.91 25.53 3.53
N ASP A 389 -6.42 24.39 3.99
CA ASP A 389 -7.13 24.36 5.27
C ASP A 389 -6.51 23.52 6.37
N VAL A 390 -5.34 22.93 6.10
CA VAL A 390 -4.66 22.11 7.10
C VAL A 390 -4.25 22.93 8.32
N LYS A 391 -4.33 22.33 9.50
CA LYS A 391 -3.93 23.03 10.70
C LYS A 391 -2.46 22.81 10.94
N TYR A 392 -1.69 23.89 10.96
CA TYR A 392 -0.26 23.80 11.20
C TYR A 392 0.31 25.06 11.84
N ARG A 393 1.56 24.98 12.25
CA ARG A 393 2.24 26.12 12.85
C ARG A 393 3.60 26.26 12.21
N VAL A 394 4.06 27.50 12.10
CA VAL A 394 5.37 27.79 11.54
C VAL A 394 6.09 28.77 12.46
N VAL A 395 7.23 28.34 12.99
CA VAL A 395 8.03 29.16 13.88
C VAL A 395 9.12 29.88 13.10
N GLY A 396 9.08 31.20 13.11
CA GLY A 396 10.06 31.98 12.37
C GLY A 396 9.58 32.16 10.95
N GLU A 397 10.49 32.40 10.02
CA GLU A 397 10.10 32.56 8.62
C GLU A 397 10.57 31.40 7.76
N LEU A 398 9.98 31.27 6.59
CA LEU A 398 10.34 30.20 5.66
C LEU A 398 11.03 30.81 4.43
N THR A 399 11.89 31.80 4.68
CA THR A 399 12.62 32.51 3.63
C THR A 399 13.37 31.59 2.66
N ASN A 400 14.22 30.72 3.20
CA ASN A 400 14.98 29.80 2.35
C ASN A 400 14.08 28.80 1.63
N THR A 401 13.00 28.40 2.30
CA THR A 401 12.04 27.46 1.72
C THR A 401 11.41 28.09 0.50
N ASP A 402 10.99 29.34 0.64
CA ASP A 402 10.38 30.07 -0.47
C ASP A 402 11.39 30.22 -1.59
N ARG A 403 12.64 30.48 -1.22
CA ARG A 403 13.67 30.65 -2.23
C ARG A 403 13.82 29.33 -3.00
N ILE A 404 13.70 28.22 -2.30
CA ILE A 404 13.83 26.92 -2.94
C ILE A 404 12.67 26.69 -3.87
N MET A 405 11.48 27.06 -3.41
CA MET A 405 10.27 26.90 -4.21
C MET A 405 10.39 27.68 -5.51
N ASN A 406 11.00 28.85 -5.44
CA ASN A 406 11.15 29.69 -6.63
C ASN A 406 12.42 29.54 -7.44
N GLN A 407 13.55 29.33 -6.77
CA GLN A 407 14.83 29.28 -7.48
C GLN A 407 15.62 27.98 -7.53
N THR A 408 15.17 26.94 -6.83
CA THR A 408 15.91 25.69 -6.81
C THR A 408 15.39 24.61 -7.74
N PHE A 409 16.28 23.69 -8.11
CA PHE A 409 15.92 22.57 -8.96
C PHE A 409 17.12 21.60 -8.88
N TRP A 410 16.92 20.37 -9.34
CA TRP A 410 18.02 19.42 -9.30
C TRP A 410 18.13 18.62 -10.57
N ILE A 411 19.31 18.07 -10.83
CA ILE A 411 19.53 17.21 -11.99
C ILE A 411 20.24 15.92 -11.60
N GLY A 412 20.64 15.15 -12.60
CA GLY A 412 20.85 13.73 -12.43
C GLY A 412 22.31 13.37 -12.20
N ILE A 413 22.57 12.63 -11.12
CA ILE A 413 23.90 12.07 -10.89
C ILE A 413 23.82 10.59 -10.52
N TYR A 414 22.71 9.95 -10.89
CA TYR A 414 22.49 8.54 -10.59
C TYR A 414 23.35 7.63 -11.49
N PRO A 415 23.62 6.40 -11.01
CA PRO A 415 24.43 5.36 -11.67
C PRO A 415 24.25 5.17 -13.17
N GLY A 416 23.10 5.56 -13.71
CA GLY A 416 22.87 5.39 -15.13
C GLY A 416 23.51 6.46 -16.00
N LEU A 417 24.27 7.35 -15.37
CA LEU A 417 24.92 8.44 -16.09
C LEU A 417 26.44 8.33 -16.15
N THR A 418 26.99 8.36 -17.36
CA THR A 418 28.44 8.27 -17.56
C THR A 418 29.03 9.69 -17.61
N HIS A 419 30.36 9.76 -17.66
CA HIS A 419 31.04 11.05 -17.73
C HIS A 419 30.68 11.79 -19.01
N ASP A 420 30.36 11.05 -20.07
CA ASP A 420 29.99 11.69 -21.31
C ASP A 420 28.64 12.36 -21.15
N HIS A 421 27.80 11.79 -20.30
CA HIS A 421 26.48 12.33 -20.01
C HIS A 421 26.68 13.64 -19.28
N LEU A 422 27.44 13.58 -18.20
CA LEU A 422 27.70 14.75 -17.37
C LEU A 422 28.44 15.87 -18.10
N ASP A 423 29.49 15.51 -18.85
CA ASP A 423 30.25 16.50 -19.59
C ASP A 423 29.29 17.25 -20.53
N TYR A 424 28.37 16.51 -21.14
CA TYR A 424 27.41 17.12 -22.04
C TYR A 424 26.53 18.12 -21.30
N VAL A 425 26.10 17.74 -20.10
CA VAL A 425 25.27 18.62 -19.30
C VAL A 425 26.03 19.90 -18.98
N VAL A 426 27.27 19.74 -18.54
CA VAL A 426 28.12 20.88 -18.21
C VAL A 426 28.28 21.85 -19.38
N SER A 427 28.43 21.33 -20.59
CA SER A 427 28.60 22.19 -21.76
C SER A 427 27.33 22.99 -21.99
N LYS A 428 26.19 22.41 -21.63
CA LYS A 428 24.92 23.10 -21.81
C LYS A 428 24.76 24.23 -20.80
N PHE A 429 25.27 24.04 -19.58
CA PHE A 429 25.19 25.09 -18.58
C PHE A 429 26.09 26.24 -19.04
N GLU A 430 27.28 25.88 -19.51
CA GLU A 430 28.24 26.88 -19.99
C GLU A 430 27.68 27.61 -21.20
N GLU A 431 27.05 26.88 -22.12
CA GLU A 431 26.46 27.48 -23.30
C GLU A 431 25.33 28.43 -22.93
N PHE A 432 24.61 28.11 -21.85
CA PHE A 432 23.48 28.92 -21.42
C PHE A 432 23.90 30.28 -20.87
N PHE A 433 24.92 30.29 -20.01
CA PHE A 433 25.38 31.52 -19.40
C PHE A 433 26.46 32.21 -20.25
N GLY A 434 26.61 31.74 -21.49
CA GLY A 434 27.61 32.32 -22.39
C GLY A 434 29.04 32.20 -21.91
N LEU A 435 29.34 31.15 -21.14
CA LEU A 435 30.69 30.93 -20.64
C LEU A 435 31.61 30.25 -21.64
N ASN A 436 31.04 29.80 -22.76
CA ASN A 436 31.85 29.16 -23.79
C ASN A 436 32.50 30.26 -24.64
N PHE A 437 32.31 31.50 -24.18
CA PHE A 437 32.87 32.68 -24.82
C PHE A 437 33.57 33.51 -23.75
N SER B 2 16.03 -11.39 -31.61
CA SER B 2 16.02 -12.78 -31.13
C SER B 2 15.30 -12.78 -29.80
N GLN B 3 14.92 -11.58 -29.36
CA GLN B 3 14.22 -11.39 -28.10
C GLN B 3 12.82 -12.01 -28.18
N GLU B 4 12.06 -11.65 -29.20
CA GLU B 4 10.71 -12.19 -29.36
C GLU B 4 10.77 -13.72 -29.30
N GLU B 5 11.90 -14.28 -29.70
CA GLU B 5 12.10 -15.72 -29.67
C GLU B 5 12.32 -16.13 -28.22
N LEU B 6 13.39 -15.60 -27.62
CA LEU B 6 13.73 -15.89 -26.24
C LEU B 6 12.50 -15.84 -25.34
N ARG B 7 11.59 -14.93 -25.63
CA ARG B 7 10.37 -14.82 -24.84
C ARG B 7 9.53 -16.08 -25.02
N GLN B 8 9.08 -16.33 -26.24
CA GLN B 8 8.27 -17.50 -26.53
C GLN B 8 8.90 -18.82 -26.11
N GLN B 9 10.22 -18.89 -26.11
CA GLN B 9 10.89 -20.12 -25.71
C GLN B 9 10.79 -20.23 -24.19
N ILE B 10 10.91 -19.10 -23.50
CA ILE B 10 10.80 -19.08 -22.05
C ILE B 10 9.35 -19.40 -21.68
N ALA B 11 8.43 -18.85 -22.46
CA ALA B 11 7.01 -19.08 -22.24
C ALA B 11 6.70 -20.58 -22.22
N GLU B 12 7.47 -21.34 -23.00
CA GLU B 12 7.29 -22.78 -23.08
C GLU B 12 7.89 -23.44 -21.84
N LEU B 13 9.15 -23.12 -21.58
CA LEU B 13 9.84 -23.69 -20.42
C LEU B 13 9.07 -23.51 -19.11
N VAL B 14 8.30 -22.43 -19.01
CA VAL B 14 7.53 -22.19 -17.80
C VAL B 14 6.21 -22.95 -17.87
N ALA B 15 5.60 -22.98 -19.05
CA ALA B 15 4.33 -23.69 -19.22
C ALA B 15 4.46 -25.14 -18.79
N GLN B 16 5.62 -25.76 -19.07
CA GLN B 16 5.83 -27.15 -18.69
C GLN B 16 6.31 -27.27 -17.25
N TYR B 17 6.70 -26.14 -16.67
CA TYR B 17 7.14 -26.12 -15.28
C TYR B 17 5.89 -26.01 -14.42
N ALA B 18 4.90 -25.31 -14.95
CA ALA B 18 3.64 -25.11 -14.27
C ALA B 18 2.78 -26.37 -14.28
N GLU B 19 2.73 -27.04 -15.43
CA GLU B 19 1.94 -28.26 -15.55
C GLU B 19 2.41 -29.30 -14.55
N THR B 20 3.65 -29.18 -14.12
CA THR B 20 4.21 -30.12 -13.15
C THR B 20 4.04 -29.60 -11.72
N ALA B 21 4.34 -28.32 -11.52
CA ALA B 21 4.22 -27.70 -10.20
C ALA B 21 2.77 -27.48 -9.79
N MET B 22 2.08 -26.57 -10.48
CA MET B 22 0.68 -26.28 -10.16
C MET B 22 -0.28 -27.38 -10.65
N ALA B 23 -0.07 -28.60 -10.18
CA ALA B 23 -0.93 -29.72 -10.57
C ALA B 23 -1.76 -30.18 -9.37
N PRO B 24 -3.08 -30.33 -9.56
CA PRO B 24 -3.99 -30.75 -8.49
C PRO B 24 -3.69 -32.16 -7.98
N LYS B 25 -3.43 -32.26 -6.68
CA LYS B 25 -3.12 -33.54 -6.04
C LYS B 25 -4.39 -34.33 -5.75
N PRO B 26 -4.38 -35.61 -6.12
CA PRO B 26 -5.53 -36.50 -5.86
C PRO B 26 -5.89 -36.53 -4.38
N PHE B 27 -7.18 -36.40 -4.07
CA PHE B 27 -7.62 -36.25 -2.69
C PHE B 27 -7.49 -37.57 -1.93
N GLU B 28 -7.24 -37.46 -0.63
CA GLU B 28 -6.94 -38.64 0.19
C GLU B 28 -7.38 -38.44 1.63
N ALA B 29 -8.58 -38.91 1.96
CA ALA B 29 -9.11 -38.78 3.31
C ALA B 29 -8.08 -39.00 4.41
N GLY B 30 -8.03 -38.07 5.37
CA GLY B 30 -7.09 -38.19 6.47
C GLY B 30 -5.70 -37.68 6.21
N LYS B 31 -5.38 -37.40 4.95
CA LYS B 31 -4.07 -36.86 4.59
C LYS B 31 -4.27 -35.48 3.96
N SER B 32 -5.03 -35.45 2.86
CA SER B 32 -5.32 -34.21 2.15
C SER B 32 -6.06 -33.22 3.05
N VAL B 33 -5.76 -31.93 2.89
CA VAL B 33 -6.43 -30.90 3.69
C VAL B 33 -7.58 -30.29 2.90
N VAL B 34 -8.59 -29.77 3.61
CA VAL B 34 -9.71 -29.12 2.96
C VAL B 34 -9.74 -27.71 3.55
N PRO B 35 -8.85 -26.83 3.04
CA PRO B 35 -8.76 -25.44 3.51
C PRO B 35 -10.00 -24.61 3.23
N PRO B 36 -10.20 -23.53 4.00
CA PRO B 36 -11.36 -22.66 3.81
C PRO B 36 -11.22 -21.75 2.59
N SER B 37 -10.02 -21.68 2.04
CA SER B 37 -9.79 -20.84 0.87
C SER B 37 -8.39 -21.07 0.33
N GLY B 38 -8.10 -20.46 -0.80
CA GLY B 38 -6.80 -20.60 -1.40
C GLY B 38 -6.79 -20.15 -2.84
N LYS B 39 -5.60 -19.88 -3.37
CA LYS B 39 -5.49 -19.44 -4.74
C LYS B 39 -5.43 -20.63 -5.68
N VAL B 40 -5.88 -20.40 -6.90
CA VAL B 40 -5.86 -21.42 -7.94
C VAL B 40 -5.16 -20.75 -9.14
N ILE B 41 -3.86 -20.99 -9.27
CA ILE B 41 -3.10 -20.40 -10.35
C ILE B 41 -2.45 -21.45 -11.25
N GLY B 42 -2.39 -21.16 -12.55
CA GLY B 42 -1.79 -22.10 -13.49
C GLY B 42 -0.65 -21.55 -14.31
N THR B 43 -0.59 -21.99 -15.57
CA THR B 43 0.45 -21.57 -16.50
C THR B 43 0.32 -20.10 -16.88
N LYS B 44 -0.88 -19.70 -17.29
CA LYS B 44 -1.12 -18.32 -17.68
C LYS B 44 -0.60 -17.34 -16.63
N GLU B 45 -0.90 -17.60 -15.36
CA GLU B 45 -0.45 -16.71 -14.29
C GLU B 45 1.07 -16.57 -14.33
N LEU B 46 1.78 -17.68 -14.12
CA LEU B 46 3.23 -17.65 -14.13
C LEU B 46 3.85 -17.11 -15.42
N GLN B 47 3.21 -17.37 -16.55
CA GLN B 47 3.72 -16.88 -17.82
C GLN B 47 3.75 -15.36 -17.84
N LEU B 48 2.57 -14.75 -17.66
CA LEU B 48 2.46 -13.30 -17.67
C LEU B 48 3.36 -12.62 -16.63
N MET B 49 3.52 -13.24 -15.47
CA MET B 49 4.37 -12.63 -14.44
C MET B 49 5.81 -12.60 -14.92
N VAL B 50 6.17 -13.55 -15.78
CA VAL B 50 7.52 -13.60 -16.33
C VAL B 50 7.58 -12.52 -17.40
N GLU B 51 6.49 -12.39 -18.17
CA GLU B 51 6.40 -11.38 -19.22
C GLU B 51 6.61 -10.01 -18.62
N ALA B 52 5.98 -9.78 -17.47
CA ALA B 52 6.10 -8.50 -16.78
C ALA B 52 7.51 -8.38 -16.20
N SER B 53 8.07 -9.48 -15.72
CA SER B 53 9.41 -9.45 -15.16
C SER B 53 10.43 -9.09 -16.24
N LEU B 54 10.18 -9.55 -17.46
CA LEU B 54 11.08 -9.29 -18.57
C LEU B 54 10.95 -7.86 -19.08
N ASP B 55 9.72 -7.36 -19.15
CA ASP B 55 9.48 -5.98 -19.61
C ASP B 55 10.48 -5.05 -18.96
N GLY B 56 10.73 -5.27 -17.67
CA GLY B 56 11.66 -4.42 -16.94
C GLY B 56 11.09 -3.05 -16.62
N TRP B 57 9.78 -2.89 -16.77
CA TRP B 57 9.14 -1.59 -16.60
C TRP B 57 8.86 -1.39 -15.12
N LEU B 58 8.22 -2.39 -14.51
CA LEU B 58 8.21 -2.36 -13.04
C LEU B 58 6.97 -1.74 -12.41
N THR B 59 6.90 -0.42 -12.44
CA THR B 59 5.66 0.23 -12.01
C THR B 59 4.55 -0.22 -12.96
N THR B 60 3.33 0.21 -12.67
CA THR B 60 2.18 -0.18 -13.47
C THR B 60 2.33 0.32 -14.91
N GLY B 61 1.73 -0.43 -15.84
CA GLY B 61 1.81 -0.05 -17.23
C GLY B 61 1.01 -0.97 -18.12
N ARG B 62 1.71 -1.63 -19.03
CA ARG B 62 1.12 -2.55 -20.00
C ARG B 62 0.07 -3.50 -19.40
N PHE B 63 0.46 -4.30 -18.40
CA PHE B 63 -0.50 -5.21 -17.80
C PHE B 63 -1.56 -4.53 -16.93
N ASN B 64 -1.15 -3.51 -16.19
CA ASN B 64 -2.08 -2.82 -15.32
C ASN B 64 -3.21 -2.18 -16.13
N ASP B 65 -2.88 -1.66 -17.31
CA ASP B 65 -3.89 -1.05 -18.17
C ASP B 65 -4.86 -2.15 -18.62
N ALA B 66 -4.28 -3.26 -19.07
CA ALA B 66 -5.07 -4.39 -19.52
C ALA B 66 -6.00 -4.93 -18.43
N PHE B 67 -5.49 -4.98 -17.19
CA PHE B 67 -6.26 -5.50 -16.06
C PHE B 67 -7.40 -4.56 -15.68
N GLU B 68 -7.10 -3.28 -15.51
CA GLU B 68 -8.11 -2.31 -15.15
C GLU B 68 -9.22 -2.27 -16.21
N LYS B 69 -8.84 -2.53 -17.46
CA LYS B 69 -9.79 -2.53 -18.56
C LYS B 69 -10.70 -3.75 -18.53
N LYS B 70 -10.09 -4.94 -18.55
CA LYS B 70 -10.88 -6.17 -18.57
C LYS B 70 -11.74 -6.35 -17.32
N LEU B 71 -11.29 -5.79 -16.21
CA LEU B 71 -12.03 -5.89 -14.95
C LEU B 71 -13.20 -4.91 -15.03
N GLY B 72 -12.97 -3.77 -15.68
CA GLY B 72 -14.02 -2.79 -15.83
C GLY B 72 -15.13 -3.39 -16.70
N GLU B 73 -14.72 -4.26 -17.61
CA GLU B 73 -15.67 -4.90 -18.50
C GLU B 73 -16.47 -5.92 -17.69
N TYR B 74 -15.78 -6.83 -17.02
CA TYR B 74 -16.44 -7.85 -16.20
C TYR B 74 -17.47 -7.22 -15.26
N LEU B 75 -17.06 -6.14 -14.60
CA LEU B 75 -17.93 -5.44 -13.64
C LEU B 75 -18.98 -4.54 -14.25
N GLY B 76 -18.73 -4.03 -15.45
CA GLY B 76 -19.70 -3.14 -16.07
C GLY B 76 -19.56 -1.73 -15.53
N VAL B 77 -18.31 -1.30 -15.35
CA VAL B 77 -18.00 0.04 -14.87
C VAL B 77 -16.87 0.56 -15.73
N PRO B 78 -16.87 1.87 -16.00
CA PRO B 78 -15.84 2.53 -16.82
C PRO B 78 -14.52 2.82 -16.11
N TYR B 79 -14.58 3.07 -14.81
CA TYR B 79 -13.37 3.41 -14.05
C TYR B 79 -12.93 2.40 -12.99
N VAL B 80 -11.74 1.86 -13.17
CA VAL B 80 -11.17 0.90 -12.24
C VAL B 80 -9.72 1.28 -11.94
N LEU B 81 -9.43 1.53 -10.67
CA LEU B 81 -8.09 1.92 -10.22
C LEU B 81 -7.51 0.80 -9.34
N THR B 82 -6.34 0.27 -9.70
CA THR B 82 -5.76 -0.76 -8.86
C THR B 82 -5.03 -0.14 -7.67
N THR B 83 -4.89 -0.91 -6.60
CA THR B 83 -4.18 -0.45 -5.41
C THR B 83 -3.54 -1.62 -4.65
N THR B 84 -2.83 -1.37 -3.55
CA THR B 84 -2.11 -2.44 -2.85
C THR B 84 -2.88 -3.57 -2.19
N SER B 85 -4.15 -3.34 -1.87
CA SER B 85 -4.95 -4.37 -1.22
C SER B 85 -6.40 -3.90 -1.09
N GLY B 86 -7.27 -4.81 -0.64
CA GLY B 86 -8.66 -4.47 -0.45
C GLY B 86 -8.75 -3.38 0.59
N SER B 87 -7.98 -3.56 1.66
CA SER B 87 -7.93 -2.59 2.75
C SER B 87 -7.52 -1.24 2.17
N SER B 88 -6.49 -1.23 1.33
CA SER B 88 -6.08 0.02 0.72
C SER B 88 -7.20 0.58 -0.14
N ALA B 89 -7.93 -0.29 -0.85
CA ALA B 89 -9.02 0.18 -1.67
C ALA B 89 -10.11 0.83 -0.80
N ASN B 90 -10.46 0.17 0.31
CA ASN B 90 -11.46 0.72 1.21
C ASN B 90 -11.00 2.09 1.70
N LEU B 91 -9.72 2.22 2.03
CA LEU B 91 -9.18 3.50 2.51
C LEU B 91 -9.31 4.59 1.43
N LEU B 92 -8.90 4.28 0.21
CA LEU B 92 -8.98 5.26 -0.86
C LEU B 92 -10.45 5.67 -1.10
N ALA B 93 -11.34 4.68 -1.10
CA ALA B 93 -12.77 4.93 -1.30
C ALA B 93 -13.38 5.89 -0.28
N LEU B 94 -13.15 5.66 1.00
CA LEU B 94 -13.72 6.53 2.01
C LEU B 94 -12.95 7.86 2.06
N THR B 95 -11.65 7.83 1.83
CA THR B 95 -10.86 9.07 1.87
C THR B 95 -11.26 10.00 0.73
N ALA B 96 -11.50 9.44 -0.45
CA ALA B 96 -11.89 10.20 -1.63
C ALA B 96 -13.08 11.12 -1.42
N LEU B 97 -13.99 10.72 -0.54
CA LEU B 97 -15.19 11.50 -0.27
C LEU B 97 -14.93 12.64 0.69
N THR B 98 -13.69 12.82 1.10
CA THR B 98 -13.34 13.92 2.02
C THR B 98 -12.79 15.08 1.19
N SER B 99 -12.65 14.86 -0.12
CA SER B 99 -12.14 15.89 -1.02
C SER B 99 -12.98 17.16 -1.02
N PRO B 100 -12.34 18.32 -0.80
CA PRO B 100 -13.11 19.57 -0.81
C PRO B 100 -13.77 19.83 -2.16
N LYS B 101 -13.38 19.05 -3.18
CA LYS B 101 -13.97 19.19 -4.50
C LYS B 101 -15.43 18.74 -4.51
N LEU B 102 -15.86 18.05 -3.45
CA LEU B 102 -17.24 17.60 -3.34
C LEU B 102 -18.07 18.60 -2.53
N GLY B 103 -17.53 19.80 -2.38
CA GLY B 103 -18.21 20.85 -1.65
C GLY B 103 -18.91 20.36 -0.40
N VAL B 104 -20.16 20.78 -0.22
CA VAL B 104 -20.96 20.42 0.93
C VAL B 104 -21.07 18.89 1.16
N ARG B 105 -20.93 18.11 0.09
CA ARG B 105 -21.03 16.65 0.17
C ARG B 105 -19.79 15.93 0.74
N ALA B 106 -18.74 16.69 1.03
CA ALA B 106 -17.50 16.11 1.55
C ALA B 106 -17.56 15.63 3.00
N LEU B 107 -17.02 14.45 3.26
CA LEU B 107 -16.99 13.90 4.62
C LEU B 107 -16.01 14.73 5.44
N LYS B 108 -16.40 15.06 6.66
CA LYS B 108 -15.56 15.85 7.55
C LYS B 108 -15.39 15.16 8.89
N PRO B 109 -14.26 15.41 9.57
CA PRO B 109 -14.09 14.75 10.87
C PRO B 109 -15.38 15.04 11.64
N GLY B 110 -15.85 14.08 12.43
CA GLY B 110 -17.08 14.31 13.18
C GLY B 110 -18.31 13.71 12.53
N ASP B 111 -18.34 13.63 11.20
CA ASP B 111 -19.49 13.06 10.51
C ASP B 111 -19.59 11.57 10.84
N GLU B 112 -20.75 10.97 10.55
CA GLU B 112 -20.96 9.56 10.85
C GLU B 112 -21.15 8.69 9.63
N VAL B 113 -20.63 7.47 9.71
CA VAL B 113 -20.72 6.49 8.65
C VAL B 113 -21.46 5.28 9.23
N ILE B 114 -22.56 4.87 8.59
CA ILE B 114 -23.32 3.71 9.06
C ILE B 114 -22.67 2.45 8.50
N THR B 115 -22.58 1.42 9.34
CA THR B 115 -21.99 0.15 8.95
C THR B 115 -22.38 -0.88 10.00
N VAL B 116 -21.78 -2.07 9.96
CA VAL B 116 -22.10 -3.13 10.91
C VAL B 116 -20.84 -3.58 11.63
N ALA B 117 -21.01 -4.19 12.81
CA ALA B 117 -19.88 -4.65 13.61
C ALA B 117 -19.44 -6.09 13.32
N ALA B 118 -20.22 -6.81 12.51
CA ALA B 118 -19.87 -8.19 12.17
C ALA B 118 -19.19 -8.18 10.81
N GLY B 119 -17.96 -7.67 10.76
CA GLY B 119 -17.28 -7.61 9.48
C GLY B 119 -15.77 -7.68 9.59
N PHE B 120 -15.09 -7.13 8.59
CA PHE B 120 -13.64 -7.13 8.58
C PHE B 120 -13.20 -5.76 9.05
N PRO B 121 -12.18 -5.69 9.93
CA PRO B 121 -11.70 -4.42 10.44
C PRO B 121 -11.48 -3.27 9.44
N THR B 122 -10.77 -3.53 8.35
CA THR B 122 -10.51 -2.46 7.39
C THR B 122 -11.71 -2.00 6.56
N THR B 123 -12.89 -2.53 6.87
CA THR B 123 -14.10 -2.08 6.18
C THR B 123 -14.51 -0.81 6.94
N VAL B 124 -14.14 -0.78 8.21
CA VAL B 124 -14.53 0.29 9.12
C VAL B 124 -13.42 1.27 9.46
N ASN B 125 -12.19 0.76 9.58
CA ASN B 125 -11.05 1.59 9.94
C ASN B 125 -10.87 2.90 9.18
N PRO B 126 -11.06 2.89 7.86
CA PRO B 126 -10.88 4.16 7.16
C PRO B 126 -11.77 5.29 7.67
N THR B 127 -12.95 4.94 8.16
CA THR B 127 -13.88 5.93 8.71
C THR B 127 -13.24 6.55 9.95
N ILE B 128 -12.66 5.71 10.79
CA ILE B 128 -12.01 6.18 12.02
C ILE B 128 -10.72 6.94 11.69
N GLN B 129 -9.97 6.40 10.74
CA GLN B 129 -8.70 6.99 10.30
C GLN B 129 -8.89 8.35 9.63
N ASN B 130 -10.11 8.67 9.26
CA ASN B 130 -10.38 9.96 8.64
C ASN B 130 -11.10 10.88 9.62
N GLY B 131 -11.10 10.47 10.89
CA GLY B 131 -11.74 11.27 11.91
C GLY B 131 -13.26 11.21 11.94
N LEU B 132 -13.85 10.22 11.26
CA LEU B 132 -15.30 10.10 11.28
C LEU B 132 -15.76 9.14 12.36
N ILE B 133 -17.05 9.15 12.65
CA ILE B 133 -17.62 8.30 13.68
C ILE B 133 -18.44 7.16 13.11
N PRO B 134 -18.05 5.91 13.39
CA PRO B 134 -18.76 4.72 12.90
C PRO B 134 -20.04 4.54 13.73
N VAL B 135 -21.13 4.20 13.06
CA VAL B 135 -22.42 3.97 13.73
C VAL B 135 -22.89 2.58 13.32
N PHE B 136 -22.91 1.65 14.27
CA PHE B 136 -23.30 0.27 13.97
C PHE B 136 -24.76 -0.12 14.22
N VAL B 137 -25.20 -1.13 13.49
CA VAL B 137 -26.53 -1.73 13.63
C VAL B 137 -26.30 -3.25 13.51
N ASP B 138 -27.27 -4.05 13.95
CA ASP B 138 -27.14 -5.50 13.92
C ASP B 138 -27.27 -6.11 12.54
N VAL B 139 -26.78 -7.35 12.40
CA VAL B 139 -26.87 -8.09 11.15
C VAL B 139 -27.93 -9.18 11.30
N ASP B 140 -28.15 -9.93 10.23
CA ASP B 140 -29.11 -11.02 10.25
C ASP B 140 -28.44 -12.37 10.06
N ILE B 141 -29.00 -13.41 10.67
CA ILE B 141 -28.50 -14.77 10.51
C ILE B 141 -29.70 -15.48 9.89
N PRO B 142 -29.48 -16.40 8.93
CA PRO B 142 -28.20 -16.86 8.37
C PRO B 142 -27.69 -16.20 7.08
N THR B 143 -27.95 -14.91 6.87
CA THR B 143 -27.41 -14.26 5.67
C THR B 143 -26.11 -13.55 6.04
N TYR B 144 -25.95 -13.28 7.34
CA TYR B 144 -24.74 -12.64 7.84
C TYR B 144 -24.49 -11.31 7.15
N ASN B 145 -25.57 -10.57 6.89
CA ASN B 145 -25.45 -9.23 6.36
C ASN B 145 -26.37 -8.29 7.13
N VAL B 146 -26.13 -6.99 6.98
CA VAL B 146 -26.91 -5.98 7.69
C VAL B 146 -28.43 -6.21 7.71
N ASN B 147 -29.03 -5.93 8.86
CA ASN B 147 -30.48 -6.03 9.01
C ASN B 147 -30.93 -4.65 8.56
N ALA B 148 -31.14 -4.51 7.26
CA ALA B 148 -31.53 -3.26 6.65
C ALA B 148 -32.54 -2.41 7.41
N SER B 149 -33.63 -3.03 7.86
CA SER B 149 -34.68 -2.31 8.57
C SER B 149 -34.16 -1.44 9.70
N LEU B 150 -33.04 -1.83 10.30
CA LEU B 150 -32.47 -1.08 11.41
C LEU B 150 -31.62 0.12 10.99
N ILE B 151 -31.36 0.25 9.70
CA ILE B 151 -30.54 1.34 9.20
C ILE B 151 -31.15 2.73 9.41
N GLU B 152 -32.39 2.91 8.97
CA GLU B 152 -33.08 4.18 9.10
C GLU B 152 -32.98 4.85 10.47
N ALA B 153 -33.10 4.05 11.52
CA ALA B 153 -33.05 4.59 12.88
C ALA B 153 -31.67 5.10 13.30
N ALA B 154 -30.63 4.63 12.64
CA ALA B 154 -29.26 5.03 12.96
C ALA B 154 -28.87 6.36 12.30
N VAL B 155 -29.69 6.79 11.34
CA VAL B 155 -29.43 8.04 10.64
C VAL B 155 -29.72 9.27 11.50
N SER B 156 -28.72 10.15 11.61
CA SER B 156 -28.86 11.38 12.36
C SER B 156 -28.46 12.51 11.40
N ASP B 157 -28.35 13.73 11.91
CA ASP B 157 -27.98 14.85 11.06
C ASP B 157 -26.49 14.85 10.73
N LYS B 158 -25.75 13.95 11.37
CA LYS B 158 -24.32 13.84 11.14
C LYS B 158 -23.99 12.73 10.16
N THR B 159 -24.99 11.92 9.83
CA THR B 159 -24.80 10.82 8.89
C THR B 159 -24.49 11.34 7.50
N LYS B 160 -23.42 10.85 6.90
CA LYS B 160 -23.01 11.28 5.56
C LYS B 160 -22.90 10.12 4.58
N ALA B 161 -22.69 8.91 5.09
CA ALA B 161 -22.55 7.76 4.20
C ALA B 161 -22.81 6.41 4.85
N ILE B 162 -22.91 5.39 4.00
CA ILE B 162 -23.10 4.03 4.44
C ILE B 162 -21.98 3.24 3.77
N MET B 163 -21.20 2.51 4.56
CA MET B 163 -20.10 1.70 4.02
C MET B 163 -20.15 0.31 4.66
N ILE B 164 -20.67 -0.66 3.93
CA ILE B 164 -20.77 -2.02 4.43
C ILE B 164 -20.33 -2.98 3.34
N ALA B 165 -19.94 -4.18 3.74
CA ALA B 165 -19.44 -5.17 2.81
C ALA B 165 -20.49 -6.23 2.49
N HIS B 166 -20.44 -6.77 1.29
CA HIS B 166 -21.21 -7.96 0.94
C HIS B 166 -20.62 -9.21 1.60
N THR B 167 -20.90 -9.39 2.88
CA THR B 167 -20.24 -10.42 3.68
C THR B 167 -20.19 -11.81 3.10
N LEU B 168 -18.97 -12.33 2.96
CA LEU B 168 -18.73 -13.66 2.43
C LEU B 168 -19.38 -13.93 1.07
N GLY B 169 -19.51 -12.90 0.26
CA GLY B 169 -20.10 -13.07 -1.06
C GLY B 169 -21.60 -12.88 -1.09
N ASN B 170 -22.25 -13.09 0.05
CA ASN B 170 -23.69 -12.91 0.12
C ASN B 170 -23.92 -11.40 0.08
N LEU B 171 -24.96 -10.96 -0.62
CA LEU B 171 -25.21 -9.54 -0.71
C LEU B 171 -26.09 -9.04 0.42
N PHE B 172 -26.01 -7.75 0.69
CA PHE B 172 -26.86 -7.18 1.73
C PHE B 172 -28.12 -6.73 1.03
N ASP B 173 -29.09 -6.27 1.80
CA ASP B 173 -30.35 -5.78 1.23
C ASP B 173 -30.12 -4.48 0.48
N LEU B 174 -29.65 -4.58 -0.76
CA LEU B 174 -29.39 -3.37 -1.54
C LEU B 174 -30.64 -2.52 -1.74
N ALA B 175 -31.77 -3.19 -1.96
CA ALA B 175 -33.03 -2.50 -2.18
C ALA B 175 -33.34 -1.52 -1.04
N GLU B 176 -33.22 -2.01 0.19
CA GLU B 176 -33.48 -1.18 1.35
C GLU B 176 -32.35 -0.19 1.62
N VAL B 177 -31.11 -0.64 1.42
CA VAL B 177 -29.96 0.22 1.64
C VAL B 177 -29.97 1.41 0.68
N ARG B 178 -30.19 1.15 -0.61
CA ARG B 178 -30.25 2.20 -1.60
C ARG B 178 -31.39 3.16 -1.28
N ARG B 179 -32.50 2.61 -0.79
CA ARG B 179 -33.66 3.43 -0.44
C ARG B 179 -33.28 4.41 0.65
N VAL B 180 -32.62 3.92 1.69
CA VAL B 180 -32.21 4.77 2.80
C VAL B 180 -31.10 5.73 2.37
N ALA B 181 -30.25 5.28 1.46
CA ALA B 181 -29.17 6.13 0.97
C ALA B 181 -29.77 7.31 0.23
N ASP B 182 -30.48 7.00 -0.86
CA ASP B 182 -31.11 8.04 -1.69
C ASP B 182 -32.01 8.99 -0.90
N LYS B 183 -32.77 8.45 0.04
CA LYS B 183 -33.67 9.26 0.85
C LYS B 183 -32.92 10.37 1.57
N TYR B 184 -31.87 10.01 2.29
CA TYR B 184 -31.10 10.99 3.04
C TYR B 184 -29.89 11.59 2.34
N ASN B 185 -29.74 11.29 1.05
CA ASN B 185 -28.64 11.80 0.25
C ASN B 185 -27.28 11.38 0.83
N LEU B 186 -27.17 10.11 1.19
CA LEU B 186 -25.92 9.56 1.71
C LEU B 186 -25.09 8.92 0.61
N TRP B 187 -23.78 9.18 0.64
CA TRP B 187 -22.82 8.34 -0.06
C TRP B 187 -23.04 6.86 0.28
N LEU B 188 -22.70 5.99 -0.66
CA LEU B 188 -22.71 4.56 -0.41
C LEU B 188 -21.47 3.90 -0.97
N ILE B 189 -20.76 3.15 -0.13
CA ILE B 189 -19.57 2.46 -0.59
C ILE B 189 -19.78 0.96 -0.44
N GLU B 190 -19.58 0.22 -1.52
CA GLU B 190 -19.75 -1.22 -1.51
C GLU B 190 -18.43 -1.97 -1.40
N ASP B 191 -18.15 -2.53 -0.23
CA ASP B 191 -16.94 -3.31 -0.05
C ASP B 191 -17.27 -4.69 -0.60
N CYS B 192 -16.75 -4.99 -1.78
CA CYS B 192 -17.01 -6.27 -2.44
C CYS B 192 -15.75 -7.13 -2.42
N CYS B 193 -14.89 -6.88 -1.43
CA CYS B 193 -13.66 -7.62 -1.31
C CYS B 193 -13.83 -9.13 -1.27
N ASP B 194 -14.99 -9.60 -0.80
CA ASP B 194 -15.25 -11.03 -0.77
C ASP B 194 -16.46 -11.35 -1.64
N ALA B 195 -16.82 -10.42 -2.52
CA ALA B 195 -18.00 -10.60 -3.35
C ALA B 195 -17.83 -10.33 -4.84
N LEU B 196 -16.70 -10.74 -5.42
CA LEU B 196 -16.49 -10.50 -6.83
C LEU B 196 -17.35 -11.47 -7.65
N GLY B 197 -18.31 -10.92 -8.38
CA GLY B 197 -19.18 -11.74 -9.20
C GLY B 197 -20.58 -11.85 -8.61
N SER B 198 -20.75 -11.41 -7.38
CA SER B 198 -22.05 -11.44 -6.73
C SER B 198 -23.00 -10.50 -7.45
N THR B 199 -24.25 -10.94 -7.60
CA THR B 199 -25.26 -10.13 -8.27
C THR B 199 -26.47 -9.98 -7.35
N TYR B 200 -27.22 -8.90 -7.55
CA TYR B 200 -28.41 -8.63 -6.76
C TYR B 200 -29.42 -8.02 -7.72
N ASP B 201 -30.56 -8.69 -7.87
CA ASP B 201 -31.60 -8.20 -8.76
C ASP B 201 -30.98 -8.18 -10.16
N GLY B 202 -30.11 -9.17 -10.42
CA GLY B 202 -29.46 -9.29 -11.71
C GLY B 202 -28.26 -8.39 -11.97
N LYS B 203 -28.02 -7.42 -11.08
CA LYS B 203 -26.91 -6.48 -11.27
C LYS B 203 -25.67 -6.74 -10.39
N MET B 204 -24.52 -6.78 -11.06
CA MET B 204 -23.22 -7.01 -10.41
C MET B 204 -23.01 -6.17 -9.14
N ALA B 205 -22.52 -6.80 -8.09
CA ALA B 205 -22.26 -6.11 -6.82
C ALA B 205 -21.13 -5.12 -6.97
N GLY B 206 -21.34 -3.90 -6.45
CA GLY B 206 -20.32 -2.88 -6.53
C GLY B 206 -20.78 -1.73 -7.40
N THR B 207 -21.69 -2.03 -8.32
CA THR B 207 -22.22 -1.03 -9.24
C THR B 207 -23.52 -0.39 -8.79
N PHE B 208 -23.91 -0.58 -7.52
CA PHE B 208 -25.14 0.04 -7.03
C PHE B 208 -24.84 1.35 -6.33
N GLY B 209 -23.71 1.39 -5.62
CA GLY B 209 -23.33 2.59 -4.90
C GLY B 209 -22.44 3.54 -5.68
N ASP B 210 -21.82 4.48 -4.97
CA ASP B 210 -20.94 5.45 -5.60
C ASP B 210 -19.57 4.87 -5.89
N ILE B 211 -19.02 4.14 -4.93
CA ILE B 211 -17.71 3.53 -5.12
C ILE B 211 -17.75 2.09 -4.65
N GLY B 212 -16.96 1.25 -5.30
CA GLY B 212 -16.88 -0.15 -4.94
C GLY B 212 -15.44 -0.56 -4.77
N THR B 213 -15.19 -1.52 -3.88
CA THR B 213 -13.84 -2.02 -3.61
C THR B 213 -13.74 -3.54 -3.77
N VAL B 214 -12.53 -4.03 -4.00
CA VAL B 214 -12.34 -5.46 -4.14
C VAL B 214 -10.91 -5.82 -3.76
N SER B 215 -10.68 -7.05 -3.32
CA SER B 215 -9.36 -7.49 -2.89
C SER B 215 -8.80 -8.64 -3.72
N PHE B 216 -7.48 -8.70 -3.85
CA PHE B 216 -6.85 -9.75 -4.61
C PHE B 216 -5.85 -10.53 -3.78
N TYR B 217 -6.10 -10.59 -2.47
CA TYR B 217 -5.29 -11.35 -1.54
C TYR B 217 -5.50 -12.81 -1.99
N PRO B 218 -4.55 -13.72 -1.71
CA PRO B 218 -4.72 -15.11 -2.15
C PRO B 218 -6.03 -15.81 -1.74
N ALA B 219 -6.66 -15.34 -0.68
CA ALA B 219 -7.88 -15.98 -0.21
C ALA B 219 -9.12 -15.55 -0.95
N LYS B 220 -9.03 -14.49 -1.75
CA LYS B 220 -10.23 -13.99 -2.42
C LYS B 220 -10.51 -14.63 -3.79
N HIS B 221 -11.52 -14.13 -4.50
CA HIS B 221 -11.89 -14.70 -5.80
C HIS B 221 -10.73 -14.87 -6.79
N ILE B 222 -9.87 -13.87 -6.94
CA ILE B 222 -8.69 -13.99 -7.79
C ILE B 222 -7.56 -13.28 -7.06
N THR B 223 -6.32 -13.56 -7.40
CA THR B 223 -5.22 -12.94 -6.67
C THR B 223 -4.06 -12.32 -7.47
N MET B 224 -3.26 -11.51 -6.76
CA MET B 224 -2.09 -10.84 -7.29
C MET B 224 -1.04 -11.02 -6.20
N GLY B 225 -1.39 -11.83 -5.20
CA GLY B 225 -0.52 -12.04 -4.06
C GLY B 225 -1.04 -11.00 -3.06
N GLU B 226 -0.79 -9.74 -3.38
CA GLU B 226 -1.26 -8.61 -2.60
C GLU B 226 -1.77 -7.66 -3.66
N GLY B 227 -3.00 -7.16 -3.50
CA GLY B 227 -3.53 -6.24 -4.49
C GLY B 227 -4.98 -5.96 -4.21
N GLY B 228 -5.51 -4.92 -4.86
CA GLY B 228 -6.90 -4.54 -4.68
C GLY B 228 -7.29 -3.56 -5.77
N ALA B 229 -8.55 -3.14 -5.76
CA ALA B 229 -9.03 -2.21 -6.75
C ALA B 229 -10.23 -1.38 -6.27
N VAL B 230 -10.28 -0.15 -6.73
CA VAL B 230 -11.37 0.79 -6.43
C VAL B 230 -12.01 1.03 -7.79
N PHE B 231 -13.33 0.94 -7.87
CA PHE B 231 -14.03 1.17 -9.12
C PHE B 231 -15.27 2.02 -8.91
N THR B 232 -15.63 2.79 -9.93
CA THR B 232 -16.75 3.70 -9.83
C THR B 232 -17.30 4.01 -11.21
N GLN B 233 -18.38 4.79 -11.26
CA GLN B 233 -18.97 5.14 -12.53
C GLN B 233 -18.89 6.66 -12.66
N SER B 234 -18.43 7.30 -11.60
CA SER B 234 -18.29 8.74 -11.59
C SER B 234 -16.86 9.17 -11.91
N ALA B 235 -16.71 9.93 -12.99
CA ALA B 235 -15.39 10.42 -13.40
C ALA B 235 -14.81 11.30 -12.31
N GLU B 236 -15.66 12.11 -11.69
CA GLU B 236 -15.21 12.99 -10.61
C GLU B 236 -14.56 12.17 -9.49
N LEU B 237 -15.19 11.08 -9.08
CA LEU B 237 -14.64 10.26 -8.03
C LEU B 237 -13.37 9.55 -8.50
N LYS B 238 -13.39 9.06 -9.73
CA LYS B 238 -12.23 8.37 -10.29
C LYS B 238 -10.98 9.25 -10.27
N SER B 239 -11.16 10.55 -10.46
CA SER B 239 -10.01 11.47 -10.46
C SER B 239 -9.54 11.82 -9.08
N ILE B 240 -10.46 11.83 -8.12
CA ILE B 240 -10.15 12.13 -6.74
C ILE B 240 -9.40 10.93 -6.15
N ILE B 241 -9.92 9.72 -6.37
CA ILE B 241 -9.31 8.49 -5.88
C ILE B 241 -7.86 8.43 -6.37
N GLU B 242 -7.70 8.56 -7.68
CA GLU B 242 -6.37 8.52 -8.30
C GLU B 242 -5.39 9.48 -7.65
N SER B 243 -5.84 10.71 -7.40
CA SER B 243 -4.98 11.71 -6.79
C SER B 243 -4.52 11.27 -5.39
N PHE B 244 -5.44 10.74 -4.60
CA PHE B 244 -5.13 10.28 -3.25
C PHE B 244 -4.15 9.12 -3.27
N ARG B 245 -4.30 8.25 -4.27
CA ARG B 245 -3.42 7.11 -4.42
C ARG B 245 -2.03 7.55 -4.86
N ASP B 246 -2.00 8.56 -5.72
CA ASP B 246 -0.74 9.05 -6.26
C ASP B 246 -0.13 10.31 -5.62
N TRP B 247 0.26 10.20 -4.34
CA TRP B 247 0.88 11.27 -3.58
C TRP B 247 -0.01 12.49 -3.36
N GLY B 248 -1.27 12.37 -3.78
CA GLY B 248 -2.20 13.48 -3.63
C GLY B 248 -1.95 14.54 -4.69
N ARG B 249 -1.18 14.21 -5.72
CA ARG B 249 -0.89 15.20 -6.75
C ARG B 249 -2.10 15.55 -7.59
N ASP B 250 -2.13 16.79 -8.05
CA ASP B 250 -3.22 17.33 -8.85
C ASP B 250 -3.50 16.70 -10.21
N CYS B 251 -4.67 17.04 -10.76
CA CYS B 251 -5.15 16.57 -12.06
C CYS B 251 -5.97 15.31 -11.94
N GLN B 268 -6.35 29.30 -9.17
CA GLN B 268 -6.19 28.08 -8.37
C GLN B 268 -5.77 28.37 -6.92
N LEU B 269 -5.76 27.32 -6.11
CA LEU B 269 -5.40 27.44 -4.69
C LEU B 269 -3.90 27.43 -4.44
N GLY B 270 -3.52 27.83 -3.23
CA GLY B 270 -2.11 27.86 -2.87
C GLY B 270 -1.40 29.05 -3.48
N SER B 271 -0.15 29.25 -3.07
CA SER B 271 0.64 30.36 -3.58
C SER B 271 1.96 29.90 -4.20
N LEU B 272 1.87 28.90 -5.08
CA LEU B 272 3.06 28.40 -5.76
C LEU B 272 3.41 29.34 -6.91
N PRO B 273 4.70 29.44 -7.26
CA PRO B 273 5.08 30.33 -8.35
C PRO B 273 4.59 29.81 -9.69
N PHE B 274 4.47 30.72 -10.66
CA PHE B 274 4.03 30.36 -11.99
C PHE B 274 5.06 29.41 -12.62
N GLY B 275 4.58 28.39 -13.32
CA GLY B 275 5.50 27.46 -13.97
C GLY B 275 5.92 26.28 -13.12
N TYR B 276 5.43 26.19 -11.89
CA TYR B 276 5.77 25.09 -11.00
C TYR B 276 5.27 23.78 -11.59
N ASP B 277 6.17 22.81 -11.74
CA ASP B 277 5.84 21.51 -12.31
C ASP B 277 4.52 20.98 -11.77
N HIS B 278 3.61 20.58 -12.67
CA HIS B 278 2.33 20.07 -12.21
C HIS B 278 2.54 18.77 -11.44
N LYS B 279 3.49 17.96 -11.92
CA LYS B 279 3.82 16.70 -11.28
C LYS B 279 4.07 16.89 -9.79
N TYR B 280 4.59 18.07 -9.43
CA TYR B 280 4.87 18.39 -8.03
C TYR B 280 3.89 19.40 -7.43
N THR B 281 2.66 19.39 -7.93
CA THR B 281 1.59 20.24 -7.42
C THR B 281 0.59 19.26 -6.76
N TYR B 282 0.31 19.45 -5.48
CA TYR B 282 -0.56 18.54 -4.74
C TYR B 282 -1.91 19.10 -4.27
N SER B 283 -2.98 18.50 -4.77
CA SER B 283 -4.33 18.92 -4.44
C SER B 283 -4.99 18.16 -3.28
N HIS B 284 -4.43 17.01 -2.89
CA HIS B 284 -5.01 16.23 -1.78
C HIS B 284 -3.98 15.70 -0.78
N LEU B 285 -4.47 15.32 0.40
CA LEU B 285 -3.66 14.75 1.48
C LEU B 285 -3.53 13.30 1.05
N GLY B 286 -2.54 13.01 0.20
CA GLY B 286 -2.40 11.68 -0.35
C GLY B 286 -1.45 10.67 0.26
N TYR B 287 -1.42 9.51 -0.39
CA TYR B 287 -0.59 8.36 -0.01
C TYR B 287 0.09 7.91 -1.30
N ASN B 288 0.79 6.78 -1.21
CA ASN B 288 1.35 6.16 -2.41
C ASN B 288 0.90 4.72 -2.23
N LEU B 289 -0.23 4.41 -2.83
CA LEU B 289 -0.81 3.08 -2.73
C LEU B 289 -0.93 2.42 -4.09
N LYS B 290 0.16 2.46 -4.86
CA LYS B 290 0.17 1.85 -6.19
C LYS B 290 0.84 0.49 -6.14
N ILE B 291 0.60 -0.31 -7.18
CA ILE B 291 1.18 -1.64 -7.28
C ILE B 291 2.16 -1.72 -8.43
N THR B 292 2.70 -2.90 -8.65
CA THR B 292 3.66 -3.14 -9.74
C THR B 292 2.96 -3.87 -10.88
N ASP B 293 3.57 -3.86 -12.06
CA ASP B 293 2.97 -4.52 -13.22
C ASP B 293 3.10 -6.04 -13.09
N MET B 294 3.97 -6.50 -12.18
CA MET B 294 4.11 -7.94 -11.95
C MET B 294 2.81 -8.43 -11.31
N GLN B 295 2.34 -7.68 -10.33
CA GLN B 295 1.10 -8.01 -9.64
C GLN B 295 -0.05 -7.90 -10.63
N ALA B 296 0.01 -6.87 -11.48
CA ALA B 296 -1.05 -6.66 -12.48
C ALA B 296 -1.17 -7.86 -13.40
N ALA B 297 -0.03 -8.37 -13.87
CA ALA B 297 0.00 -9.51 -14.78
C ALA B 297 -0.76 -10.67 -14.16
N CYS B 298 -0.36 -11.06 -12.96
CA CYS B 298 -1.02 -12.17 -12.27
C CYS B 298 -2.52 -11.93 -12.30
N GLY B 299 -2.93 -10.73 -11.89
CA GLY B 299 -4.35 -10.41 -11.88
C GLY B 299 -4.99 -10.60 -13.24
N LEU B 300 -4.27 -10.20 -14.30
CA LEU B 300 -4.78 -10.31 -15.67
C LEU B 300 -5.06 -11.75 -16.08
N ALA B 301 -4.15 -12.66 -15.74
CA ALA B 301 -4.33 -14.08 -16.07
C ALA B 301 -5.57 -14.61 -15.33
N GLN B 302 -5.65 -14.30 -14.04
CA GLN B 302 -6.77 -14.74 -13.20
C GLN B 302 -8.11 -14.33 -13.79
N LEU B 303 -8.18 -13.15 -14.38
CA LEU B 303 -9.43 -12.67 -14.96
C LEU B 303 -9.98 -13.61 -16.03
N GLU B 304 -9.11 -14.47 -16.55
CA GLU B 304 -9.52 -15.43 -17.58
C GLU B 304 -10.25 -16.62 -16.94
N ARG B 305 -10.24 -16.68 -15.61
CA ARG B 305 -10.86 -17.78 -14.89
C ARG B 305 -12.02 -17.37 -13.99
N ILE B 306 -12.20 -16.08 -13.78
CA ILE B 306 -13.25 -15.58 -12.90
C ILE B 306 -14.64 -16.18 -13.15
N GLU B 307 -15.10 -16.21 -14.39
CA GLU B 307 -16.42 -16.77 -14.67
C GLU B 307 -16.52 -18.23 -14.23
N GLU B 308 -15.45 -18.98 -14.49
CA GLU B 308 -15.39 -20.37 -14.08
C GLU B 308 -15.44 -20.41 -12.56
N PHE B 309 -14.49 -19.71 -11.93
CA PHE B 309 -14.41 -19.64 -10.48
C PHE B 309 -15.75 -19.29 -9.85
N VAL B 310 -16.40 -18.24 -10.34
CA VAL B 310 -17.68 -17.82 -9.79
C VAL B 310 -18.73 -18.93 -9.88
N GLU B 311 -18.63 -19.74 -10.93
CA GLU B 311 -19.59 -20.82 -11.13
C GLU B 311 -19.29 -22.01 -10.25
N LYS B 312 -18.02 -22.34 -10.09
CA LYS B 312 -17.65 -23.47 -9.24
C LYS B 312 -17.95 -23.18 -7.76
N ARG B 313 -17.92 -21.91 -7.37
CA ARG B 313 -18.22 -21.55 -5.99
C ARG B 313 -19.72 -21.74 -5.76
N LYS B 314 -20.53 -21.23 -6.68
CA LYS B 314 -21.98 -21.38 -6.53
C LYS B 314 -22.38 -22.85 -6.47
N ALA B 315 -21.66 -23.68 -7.21
CA ALA B 315 -21.91 -25.12 -7.26
C ALA B 315 -21.54 -25.79 -5.96
N ASN B 316 -20.27 -25.67 -5.58
CA ASN B 316 -19.76 -26.25 -4.34
C ASN B 316 -20.63 -25.88 -3.16
N PHE B 317 -21.19 -24.67 -3.20
CA PHE B 317 -22.06 -24.20 -2.12
C PHE B 317 -23.36 -25.01 -2.10
N LYS B 318 -23.96 -25.14 -3.28
CA LYS B 318 -25.22 -25.88 -3.44
C LYS B 318 -25.05 -27.33 -3.02
N TYR B 319 -23.99 -27.96 -3.54
CA TYR B 319 -23.68 -29.34 -3.22
C TYR B 319 -23.56 -29.49 -1.71
N LEU B 320 -22.51 -28.87 -1.15
CA LEU B 320 -22.23 -28.91 0.27
C LEU B 320 -23.44 -28.68 1.16
N LYS B 321 -24.21 -27.62 0.89
CA LYS B 321 -25.38 -27.32 1.68
C LYS B 321 -26.42 -28.43 1.63
N ASP B 322 -26.64 -28.96 0.43
CA ASP B 322 -27.59 -30.04 0.24
C ASP B 322 -27.17 -31.22 1.11
N ALA B 323 -25.92 -31.63 0.98
CA ALA B 323 -25.41 -32.74 1.76
C ALA B 323 -25.49 -32.48 3.26
N LEU B 324 -25.10 -31.28 3.69
CA LEU B 324 -25.09 -30.90 5.10
C LEU B 324 -26.48 -30.72 5.72
N GLN B 325 -27.52 -30.77 4.90
CA GLN B 325 -28.87 -30.60 5.39
C GLN B 325 -29.21 -31.68 6.43
N SER B 326 -28.38 -32.71 6.50
CA SER B 326 -28.60 -33.81 7.42
C SER B 326 -28.26 -33.46 8.85
N CYS B 327 -27.57 -32.34 9.05
CA CYS B 327 -27.18 -31.90 10.39
C CYS B 327 -27.99 -30.69 10.81
N ALA B 328 -29.02 -30.35 10.05
CA ALA B 328 -29.85 -29.18 10.34
C ALA B 328 -30.36 -29.02 11.77
N ASP B 329 -30.36 -30.10 12.57
CA ASP B 329 -30.84 -29.99 13.95
C ASP B 329 -29.79 -29.34 14.85
N PHE B 330 -28.53 -29.44 14.46
CA PHE B 330 -27.43 -28.91 15.25
C PHE B 330 -26.82 -27.62 14.74
N ILE B 331 -26.82 -27.41 13.42
CA ILE B 331 -26.26 -26.20 12.86
C ILE B 331 -27.22 -25.52 11.89
N GLU B 332 -27.14 -24.20 11.82
CA GLU B 332 -27.96 -23.43 10.93
C GLU B 332 -27.17 -23.18 9.64
N LEU B 333 -27.71 -23.67 8.52
CA LEU B 333 -27.06 -23.55 7.22
C LEU B 333 -27.25 -22.16 6.61
N PRO B 334 -26.30 -21.73 5.77
CA PRO B 334 -26.32 -20.43 5.10
C PRO B 334 -27.41 -20.24 4.07
N GLU B 335 -27.98 -19.04 4.04
CA GLU B 335 -29.03 -18.70 3.09
C GLU B 335 -28.70 -17.44 2.28
N ALA B 336 -28.74 -17.57 0.97
CA ALA B 336 -28.47 -16.45 0.08
C ALA B 336 -29.53 -15.39 0.34
N THR B 337 -29.15 -14.12 0.23
CA THR B 337 -30.09 -13.03 0.46
C THR B 337 -31.16 -13.00 -0.62
N GLU B 338 -32.35 -12.60 -0.22
CA GLU B 338 -33.50 -12.53 -1.12
C GLU B 338 -33.18 -11.73 -2.37
N ASN B 339 -33.59 -12.27 -3.52
CA ASN B 339 -33.39 -11.64 -4.81
C ASN B 339 -31.92 -11.37 -5.09
N SER B 340 -31.08 -12.37 -4.85
CA SER B 340 -29.66 -12.22 -5.10
C SER B 340 -29.04 -13.54 -5.53
N ASP B 341 -27.92 -13.46 -6.24
CA ASP B 341 -27.21 -14.64 -6.68
C ASP B 341 -25.76 -14.46 -6.21
N PRO B 342 -25.49 -14.83 -4.94
CA PRO B 342 -24.18 -14.73 -4.30
C PRO B 342 -23.02 -15.55 -4.83
N SER B 343 -21.91 -14.87 -5.10
CA SER B 343 -20.70 -15.53 -5.55
C SER B 343 -20.00 -15.85 -4.24
N TRP B 344 -20.48 -16.89 -3.56
CA TRP B 344 -19.94 -17.30 -2.26
C TRP B 344 -18.42 -17.32 -2.15
N PHE B 345 -17.94 -16.67 -1.09
CA PHE B 345 -16.53 -16.58 -0.78
C PHE B 345 -16.15 -17.75 0.13
N GLY B 346 -17.07 -18.11 1.01
CA GLY B 346 -16.85 -19.21 1.93
C GLY B 346 -18.21 -19.73 2.37
N PHE B 347 -18.21 -20.78 3.19
CA PHE B 347 -19.48 -21.38 3.64
C PHE B 347 -19.67 -21.15 5.14
N PRO B 348 -20.51 -20.18 5.52
CA PRO B 348 -20.78 -19.85 6.92
C PRO B 348 -21.77 -20.78 7.63
N ILE B 349 -21.44 -21.10 8.87
CA ILE B 349 -22.25 -22.00 9.69
C ILE B 349 -22.34 -21.50 11.14
N THR B 350 -23.54 -21.48 11.69
CA THR B 350 -23.73 -21.08 13.07
C THR B 350 -24.15 -22.31 13.86
N LEU B 351 -23.35 -22.67 14.87
CA LEU B 351 -23.64 -23.84 15.69
C LEU B 351 -24.63 -23.49 16.80
N LYS B 352 -25.70 -24.27 16.92
CA LYS B 352 -26.77 -23.97 17.85
C LYS B 352 -26.28 -24.01 19.29
N GLU B 353 -26.83 -23.13 20.13
CA GLU B 353 -26.39 -23.03 21.51
C GLU B 353 -26.89 -24.21 22.35
N ASP B 354 -27.98 -24.82 21.90
CA ASP B 354 -28.58 -25.94 22.61
C ASP B 354 -28.15 -27.27 22.01
N SER B 355 -26.98 -27.28 21.37
CA SER B 355 -26.44 -28.49 20.77
C SER B 355 -25.66 -29.34 21.76
N GLY B 356 -25.23 -28.74 22.87
CA GLY B 356 -24.48 -29.50 23.85
C GLY B 356 -22.97 -29.40 23.73
N VAL B 357 -22.49 -28.74 22.68
CA VAL B 357 -21.04 -28.56 22.51
C VAL B 357 -20.73 -27.12 22.15
N SER B 358 -19.45 -26.76 22.25
CA SER B 358 -19.00 -25.40 21.96
C SER B 358 -18.32 -25.33 20.60
N ARG B 359 -18.30 -24.14 19.99
CA ARG B 359 -17.66 -23.98 18.69
C ARG B 359 -16.23 -24.50 18.74
N ILE B 360 -15.55 -24.25 19.87
CA ILE B 360 -14.18 -24.72 20.05
C ILE B 360 -14.07 -26.22 19.80
N ASP B 361 -15.01 -26.98 20.37
CA ASP B 361 -15.01 -28.44 20.20
C ASP B 361 -15.07 -28.83 18.74
N LEU B 362 -16.03 -28.25 18.02
CA LEU B 362 -16.20 -28.56 16.61
C LEU B 362 -14.98 -28.13 15.79
N VAL B 363 -14.51 -26.90 16.00
CA VAL B 363 -13.34 -26.43 15.26
C VAL B 363 -12.16 -27.35 15.51
N LYS B 364 -11.91 -27.67 16.78
CA LYS B 364 -10.80 -28.55 17.12
C LYS B 364 -10.98 -29.93 16.51
N PHE B 365 -12.23 -30.41 16.46
CA PHE B 365 -12.49 -31.71 15.86
C PHE B 365 -12.14 -31.66 14.39
N LEU B 366 -12.70 -30.67 13.70
CA LEU B 366 -12.45 -30.47 12.27
C LEU B 366 -10.97 -30.26 11.96
N ASP B 367 -10.31 -29.50 12.83
CA ASP B 367 -8.89 -29.22 12.66
C ASP B 367 -8.11 -30.53 12.61
N GLU B 368 -8.43 -31.44 13.52
CA GLU B 368 -7.76 -32.72 13.56
C GLU B 368 -8.07 -33.54 12.33
N ALA B 369 -9.24 -33.32 11.76
CA ALA B 369 -9.69 -34.03 10.56
C ALA B 369 -9.17 -33.40 9.27
N LYS B 370 -8.28 -32.42 9.39
CA LYS B 370 -7.70 -31.72 8.25
C LYS B 370 -8.71 -30.80 7.55
N VAL B 371 -9.81 -30.48 8.24
CA VAL B 371 -10.82 -29.60 7.67
C VAL B 371 -10.68 -28.21 8.25
N GLY B 372 -10.16 -27.31 7.42
CA GLY B 372 -9.93 -25.93 7.86
C GLY B 372 -11.20 -25.16 8.13
N THR B 373 -11.14 -24.26 9.11
CA THR B 373 -12.27 -23.44 9.46
C THR B 373 -11.77 -22.04 9.82
N ARG B 374 -12.68 -21.08 9.82
CA ARG B 374 -12.34 -19.70 10.13
C ARG B 374 -13.53 -19.05 10.80
N LEU B 375 -13.27 -18.17 11.78
CA LEU B 375 -14.36 -17.47 12.42
C LEU B 375 -14.75 -16.35 11.46
N LEU B 376 -15.89 -15.70 11.69
CA LEU B 376 -16.33 -14.62 10.81
C LEU B 376 -15.61 -13.30 11.05
N PHE B 377 -14.33 -13.29 10.69
CA PHE B 377 -13.43 -12.15 10.86
C PHE B 377 -13.52 -11.59 12.28
N ALA B 378 -13.66 -10.28 12.43
CA ALA B 378 -13.69 -9.72 13.78
C ALA B 378 -14.81 -10.13 14.74
N GLY B 379 -15.80 -10.89 14.25
CA GLY B 379 -16.88 -11.29 15.11
C GLY B 379 -17.72 -10.07 15.46
N ASN B 380 -17.28 -9.31 16.45
CA ASN B 380 -17.96 -8.08 16.84
C ASN B 380 -16.88 -7.04 17.06
N LEU B 381 -16.69 -6.19 16.05
CA LEU B 381 -15.69 -5.15 16.08
C LEU B 381 -15.62 -4.37 17.39
N THR B 382 -16.77 -3.97 17.92
CA THR B 382 -16.80 -3.19 19.15
C THR B 382 -16.23 -3.90 20.38
N ARG B 383 -16.04 -5.22 20.26
CA ARG B 383 -15.50 -6.02 21.36
C ARG B 383 -14.05 -6.37 21.11
N GLN B 384 -13.52 -5.92 19.98
CA GLN B 384 -12.14 -6.19 19.65
C GLN B 384 -11.27 -5.29 20.52
N PRO B 385 -10.08 -5.77 20.93
CA PRO B 385 -9.24 -4.92 21.76
C PRO B 385 -8.95 -3.53 21.23
N TYR B 386 -8.63 -3.39 19.94
CA TYR B 386 -8.32 -2.05 19.41
C TYR B 386 -9.50 -1.10 19.44
N PHE B 387 -10.69 -1.61 19.75
CA PHE B 387 -11.85 -0.73 19.81
C PHE B 387 -12.07 -0.15 21.20
N HIS B 388 -11.18 -0.48 22.12
CA HIS B 388 -11.29 0.00 23.49
C HIS B 388 -11.63 1.46 23.66
N ASP B 389 -10.93 2.36 22.96
CA ASP B 389 -11.21 3.77 23.11
C ASP B 389 -11.72 4.51 21.89
N VAL B 390 -12.10 3.77 20.85
CA VAL B 390 -12.61 4.38 19.63
C VAL B 390 -13.95 5.04 19.89
N LYS B 391 -14.21 6.16 19.23
CA LYS B 391 -15.48 6.81 19.39
C LYS B 391 -16.43 6.26 18.32
N TYR B 392 -17.54 5.67 18.76
CA TYR B 392 -18.53 5.10 17.84
C TYR B 392 -19.90 5.07 18.50
N ARG B 393 -20.93 4.84 17.69
CA ARG B 393 -22.29 4.74 18.19
C ARG B 393 -22.92 3.44 17.72
N VAL B 394 -23.75 2.85 18.57
CA VAL B 394 -24.46 1.62 18.23
C VAL B 394 -25.96 1.88 18.44
N VAL B 395 -26.73 1.71 17.38
CA VAL B 395 -28.16 1.93 17.43
C VAL B 395 -28.89 0.60 17.50
N GLY B 396 -29.49 0.32 18.65
CA GLY B 396 -30.20 -0.92 18.84
C GLY B 396 -29.27 -1.88 19.55
N GLU B 397 -29.54 -3.18 19.45
CA GLU B 397 -28.68 -4.16 20.10
C GLU B 397 -27.88 -4.92 19.07
N LEU B 398 -26.76 -5.49 19.48
CA LEU B 398 -25.90 -6.26 18.58
C LEU B 398 -26.00 -7.75 18.90
N THR B 399 -27.22 -8.21 19.12
CA THR B 399 -27.53 -9.60 19.47
C THR B 399 -26.98 -10.61 18.46
N ASN B 400 -27.36 -10.45 17.20
CA ASN B 400 -26.90 -11.38 16.17
C ASN B 400 -25.39 -11.29 15.94
N THR B 401 -24.83 -10.08 16.08
CA THR B 401 -23.39 -9.89 15.89
C THR B 401 -22.71 -10.72 16.97
N ASP B 402 -23.17 -10.52 18.21
CA ASP B 402 -22.60 -11.25 19.33
C ASP B 402 -22.78 -12.75 19.15
N ARG B 403 -23.87 -13.14 18.49
CA ARG B 403 -24.11 -14.57 18.29
C ARG B 403 -23.06 -15.06 17.28
N ILE B 404 -22.79 -14.23 16.27
CA ILE B 404 -21.80 -14.55 15.25
C ILE B 404 -20.44 -14.76 15.90
N MET B 405 -20.04 -13.80 16.72
CA MET B 405 -18.74 -13.86 17.40
C MET B 405 -18.63 -15.12 18.25
N ASN B 406 -19.77 -15.61 18.74
CA ASN B 406 -19.78 -16.69 19.72
C ASN B 406 -20.04 -18.05 19.06
N GLN B 407 -20.71 -18.09 17.94
CA GLN B 407 -21.16 -19.40 17.52
C GLN B 407 -20.91 -19.69 16.05
N THR B 408 -20.41 -18.70 15.33
CA THR B 408 -20.35 -18.77 13.87
C THR B 408 -18.94 -19.08 13.38
N PHE B 409 -18.85 -19.67 12.19
CA PHE B 409 -17.57 -19.99 11.60
C PHE B 409 -17.87 -20.38 10.16
N TRP B 410 -16.87 -20.38 9.29
CA TRP B 410 -17.12 -20.76 7.91
C TRP B 410 -16.10 -21.76 7.41
N ILE B 411 -16.47 -22.50 6.37
CA ILE B 411 -15.56 -23.45 5.74
C ILE B 411 -15.49 -23.23 4.24
N GLY B 412 -14.78 -24.12 3.54
CA GLY B 412 -14.29 -23.83 2.22
C GLY B 412 -15.21 -24.32 1.12
N ILE B 413 -15.41 -23.51 0.10
CA ILE B 413 -16.10 -23.94 -1.11
C ILE B 413 -15.44 -23.36 -2.35
N TYR B 414 -14.16 -23.00 -2.23
CA TYR B 414 -13.45 -22.31 -3.30
C TYR B 414 -13.06 -23.33 -4.39
N PRO B 415 -12.80 -22.83 -5.61
CA PRO B 415 -12.43 -23.61 -6.80
C PRO B 415 -11.42 -24.74 -6.59
N GLY B 416 -10.62 -24.66 -5.55
CA GLY B 416 -9.63 -25.70 -5.31
C GLY B 416 -10.17 -26.94 -4.61
N LEU B 417 -11.47 -26.96 -4.34
CA LEU B 417 -12.10 -28.09 -3.66
C LEU B 417 -12.98 -28.93 -4.59
N THR B 418 -12.74 -30.24 -4.60
CA THR B 418 -13.52 -31.17 -5.44
C THR B 418 -14.64 -31.80 -4.63
N HIS B 419 -15.59 -32.42 -5.34
CA HIS B 419 -16.71 -33.09 -4.70
C HIS B 419 -16.24 -34.13 -3.68
N ASP B 420 -15.05 -34.67 -3.88
CA ASP B 420 -14.51 -35.65 -2.95
C ASP B 420 -14.07 -34.94 -1.67
N HIS B 421 -13.56 -33.72 -1.83
CA HIS B 421 -13.12 -32.90 -0.70
C HIS B 421 -14.33 -32.64 0.19
N LEU B 422 -15.40 -32.14 -0.40
CA LEU B 422 -16.61 -31.83 0.34
C LEU B 422 -17.25 -33.06 0.98
N ASP B 423 -17.34 -34.15 0.21
CA ASP B 423 -17.91 -35.38 0.73
C ASP B 423 -17.24 -35.72 2.04
N TYR B 424 -15.92 -35.54 2.08
CA TYR B 424 -15.15 -35.84 3.27
C TYR B 424 -15.56 -34.90 4.39
N VAL B 425 -15.69 -33.61 4.08
CA VAL B 425 -16.08 -32.63 5.08
C VAL B 425 -17.45 -33.02 5.66
N VAL B 426 -18.37 -33.42 4.77
CA VAL B 426 -19.70 -33.81 5.20
C VAL B 426 -19.68 -35.00 6.15
N SER B 427 -18.97 -36.06 5.80
CA SER B 427 -18.91 -37.23 6.65
C SER B 427 -18.34 -36.88 8.01
N LYS B 428 -17.42 -35.93 8.06
CA LYS B 428 -16.85 -35.53 9.35
C LYS B 428 -17.89 -34.83 10.20
N PHE B 429 -18.72 -33.98 9.58
CA PHE B 429 -19.76 -33.30 10.33
C PHE B 429 -20.73 -34.33 10.90
N GLU B 430 -21.04 -35.34 10.08
CA GLU B 430 -21.95 -36.40 10.49
C GLU B 430 -21.33 -37.26 11.59
N GLU B 431 -20.06 -37.59 11.43
CA GLU B 431 -19.37 -38.38 12.43
C GLU B 431 -19.36 -37.62 13.75
N PHE B 432 -19.19 -36.30 13.66
CA PHE B 432 -19.15 -35.46 14.85
C PHE B 432 -20.48 -35.47 15.62
N PHE B 433 -21.57 -35.24 14.90
CA PHE B 433 -22.88 -35.21 15.52
C PHE B 433 -23.51 -36.58 15.71
N GLY B 434 -22.74 -37.63 15.43
CA GLY B 434 -23.24 -38.99 15.57
C GLY B 434 -24.41 -39.32 14.66
N LEU B 435 -24.36 -38.84 13.42
CA LEU B 435 -25.43 -39.12 12.46
C LEU B 435 -25.15 -40.34 11.61
N ASN B 436 -23.92 -40.85 11.66
CA ASN B 436 -23.59 -42.03 10.88
C ASN B 436 -24.03 -43.29 11.65
N PHE B 437 -24.73 -43.06 12.77
CA PHE B 437 -25.25 -44.14 13.59
C PHE B 437 -26.74 -43.92 13.79
#